data_2JIQ
#
_entry.id   2JIQ
#
_cell.length_a   105.212
_cell.length_b   105.212
_cell.length_c   130.685
_cell.angle_alpha   90.00
_cell.angle_beta   90.00
_cell.angle_gamma   120.00
#
_symmetry.space_group_name_H-M   'P 31 2 1'
#
loop_
_entity.id
_entity.type
_entity.pdbx_description
1 polymer 'PERIPLASMIC NITRATE REDUCTASE'
2 non-polymer 'IRON/SULFUR CLUSTER'
3 non-polymer 'MOLYBDENUM ATOM'
4 non-polymer '2-AMINO-5,6-DIMERCAPTO-7-METHYL-3,7,8A,9-TETRAHYDRO-8-OXA-1,3,9,10-TETRAAZA-ANTHRACEN-4-ONE GUANOSINE DINUCLEOTIDE'
5 non-polymer 'UNKNOWN ATOM OR ION'
6 non-polymer 'NITRITE ION'
7 non-polymer 'NITRATE ION'
8 water water
#
_entity_poly.entity_id   1
_entity_poly.type   'polypeptide(L)'
_entity_poly.pdbx_seq_one_letter_code
;ADNRPEKWVKGVCRYCGTGCGVLVGVKDGKAVAIQGDPNNHNAGLLCLKGSLLIPVLNSKERVTQPLVRRHKGGKLEPVS
WDEALDLMASRFRSSIDMYGPNSVAWYGSGQCLTEESYVANKIFKGGFGTNNVDGNPRLCMASAVGGYVTSFGKDEPMGT
YADIDQATCFFIIGSNTSEAHPVLFRRIARRKQVEPGVKIIVADPRRTNTSRIADMHVAFRPGTDLAFMHSMAWVIINEE
LDNPRFWQRYVNFMDAEGKPSDFEGYKAFLENYRPEKVAEICRVPVEQIYGAARAFAESAATMSLWCMGINQRVQGVFAN
NLIHNLHLITGQICRPGATSFSLTGQPNACGGVRDGGALSHLLPAGRAIPNAKHRAEMEKLWGLPEGRIAPEPGYHTVAL
FEALGRGDVKCMIICETNPAHTLPNLNKVHKAMSHPESFIVCIEAFPDAVTLEYADLVLPPAFWCERDGVYGCGERRYSL
TEKAVDPPGQCRPTVNTLVEFARRAGVDPQLVNFRNAEDVWNEWRMVSKGTTYDFWGMTRERLRKESGLIWPCPSEDHPG
TSLRYVRGQDPCVPADHPDRFFFYGKPDGRAVIWMRPAKGAAEEPDAEYPLYLTSMRVIDHWHTATMTGKVPELQKANPI
AFVEINEEDAARTGIKHGDSVIVETRRDAMELPARVSDVCRPGLIAVPFFDPKKLVNKLFLDATDPVSREPEYKICAARV
RKA
;
_entity_poly.pdbx_strand_id   A
#
loop_
_chem_comp.id
_chem_comp.type
_chem_comp.name
_chem_comp.formula
MGD non-polymer '2-AMINO-5,6-DIMERCAPTO-7-METHYL-3,7,8A,9-TETRAHYDRO-8-OXA-1,3,9,10-TETRAAZA-ANTHRACEN-4-ONE GUANOSINE DINUCLEOTIDE' 'C20 H26 N10 O13 P2 S2'
MO non-polymer 'MOLYBDENUM ATOM' Mo
NO2 non-polymer 'NITRITE ION' 'N O2 -1'
NO3 non-polymer 'NITRATE ION' 'N O3 -1'
SF4 non-polymer 'IRON/SULFUR CLUSTER' 'Fe4 S4'
UNX non-polymer 'UNKNOWN ATOM OR ION' ?
#
# COMPACT_ATOMS: atom_id res chain seq x y z
N ARG A 4 -16.72 17.62 27.63
CA ARG A 4 -16.30 16.37 28.36
C ARG A 4 -14.78 16.15 28.40
N PRO A 5 -14.08 16.27 27.24
CA PRO A 5 -12.64 16.01 27.26
C PRO A 5 -11.92 17.01 28.17
N GLU A 6 -11.03 16.49 29.02
CA GLU A 6 -10.21 17.33 29.87
C GLU A 6 -8.87 17.63 29.17
N LYS A 7 -8.66 16.96 28.03
CA LYS A 7 -7.34 16.79 27.43
C LYS A 7 -7.53 16.30 26.00
N TRP A 8 -6.84 16.94 25.05
CA TRP A 8 -6.78 16.45 23.65
C TRP A 8 -5.38 15.93 23.36
N VAL A 9 -5.30 14.76 22.73
CA VAL A 9 -4.02 14.08 22.45
C VAL A 9 -3.82 13.92 20.96
N LYS A 10 -2.75 14.54 20.45
CA LYS A 10 -2.41 14.54 19.01
C LYS A 10 -1.98 13.19 18.44
N GLY A 11 -2.52 12.84 17.27
CA GLY A 11 -2.17 11.59 16.59
C GLY A 11 -2.58 11.50 15.12
N VAL A 12 -2.74 10.29 14.62
CA VAL A 12 -3.08 10.08 13.21
C VAL A 12 -4.30 9.18 13.13
N CYS A 13 -5.14 9.39 12.12
CA CYS A 13 -6.21 8.42 11.84
C CYS A 13 -5.58 7.05 11.60
N ARG A 14 -6.18 6.03 12.22
CA ARG A 14 -5.79 4.63 12.13
C ARG A 14 -6.03 4.04 10.75
N TYR A 15 -6.95 4.62 9.97
CA TYR A 15 -7.28 3.99 8.69
C TYR A 15 -6.38 4.44 7.53
N CYS A 16 -6.93 5.02 6.48
CA CYS A 16 -6.24 5.08 5.18
C CYS A 16 -4.94 5.90 5.14
N GLY A 17 -4.25 5.79 4.00
CA GLY A 17 -2.99 6.45 3.78
C GLY A 17 -3.15 7.90 3.41
N THR A 18 -4.34 8.46 3.60
CA THR A 18 -4.50 9.94 3.51
C THR A 18 -3.71 10.56 4.66
N GLY A 19 -3.79 9.91 5.83
CA GLY A 19 -2.94 10.21 6.96
C GLY A 19 -3.35 11.45 7.71
N CYS A 20 -4.67 11.59 7.87
CA CYS A 20 -5.30 12.70 8.56
C CYS A 20 -4.87 12.66 10.00
N GLY A 21 -4.35 13.80 10.48
CA GLY A 21 -4.06 14.01 11.90
C GLY A 21 -5.34 14.11 12.72
N VAL A 22 -5.31 13.57 13.93
CA VAL A 22 -6.46 13.64 14.83
C VAL A 22 -6.06 14.20 16.18
N LEU A 23 -7.07 14.71 16.88
CA LEU A 23 -6.95 15.02 18.31
C LEU A 23 -8.00 14.15 19.02
N VAL A 24 -7.53 13.19 19.81
CA VAL A 24 -8.37 12.24 20.60
C VAL A 24 -8.59 12.84 21.98
N GLY A 25 -9.84 13.15 22.31
CA GLY A 25 -10.16 13.81 23.59
C GLY A 25 -10.49 12.82 24.68
N VAL A 26 -9.76 12.89 25.79
CA VAL A 26 -9.97 11.96 26.90
C VAL A 26 -10.39 12.65 28.20
N LYS A 27 -11.19 11.95 28.99
CA LYS A 27 -11.53 12.35 30.33
C LYS A 27 -11.43 11.09 31.19
N ASP A 28 -10.74 11.19 32.33
CA ASP A 28 -10.58 10.09 33.30
C ASP A 28 -9.97 8.83 32.69
N GLY A 29 -8.94 8.99 31.86
CA GLY A 29 -8.28 7.86 31.21
C GLY A 29 -9.10 7.13 30.14
N LYS A 30 -10.26 7.69 29.80
CA LYS A 30 -11.13 7.14 28.76
C LYS A 30 -11.29 8.11 27.60
N ALA A 31 -11.12 7.62 26.37
CA ALA A 31 -11.49 8.38 25.18
C ALA A 31 -13.00 8.63 25.11
N VAL A 32 -13.37 9.87 24.79
CA VAL A 32 -14.76 10.32 24.73
C VAL A 32 -15.11 11.13 23.46
N ALA A 33 -14.11 11.61 22.73
CA ALA A 33 -14.33 12.47 21.57
C ALA A 33 -13.15 12.38 20.66
N ILE A 34 -13.40 12.63 19.36
CA ILE A 34 -12.34 12.78 18.36
C ILE A 34 -12.63 13.94 17.43
N GLN A 35 -11.57 14.65 17.02
CA GLN A 35 -11.68 15.62 15.95
C GLN A 35 -10.40 15.68 15.14
N GLY A 36 -10.49 16.26 13.95
CA GLY A 36 -9.35 16.43 13.09
C GLY A 36 -8.41 17.45 13.67
N ASP A 37 -7.13 17.13 13.58
CA ASP A 37 -6.05 18.02 13.90
C ASP A 37 -6.01 19.22 12.90
N PRO A 38 -6.28 20.43 13.41
CA PRO A 38 -6.37 21.62 12.53
C PRO A 38 -5.07 22.00 11.81
N ASN A 39 -3.95 21.48 12.31
CA ASN A 39 -2.61 21.81 11.83
C ASN A 39 -1.98 20.77 10.92
N ASN A 40 -2.64 19.63 10.75
CA ASN A 40 -2.15 18.65 9.81
C ASN A 40 -2.74 18.97 8.43
N HIS A 41 -2.24 18.30 7.39
CA HIS A 41 -2.62 18.61 6.01
C HIS A 41 -4.13 18.61 5.80
N ASN A 42 -4.83 17.86 6.63
CA ASN A 42 -6.28 17.63 6.52
C ASN A 42 -7.08 18.78 7.10
N ALA A 43 -6.36 19.75 7.67
CA ALA A 43 -6.91 21.02 8.09
C ALA A 43 -8.18 20.84 8.90
N GLY A 44 -8.11 19.98 9.92
CA GLY A 44 -9.24 19.73 10.82
C GLY A 44 -10.24 18.68 10.38
N LEU A 45 -10.23 18.26 9.11
CA LEU A 45 -11.30 17.40 8.57
C LEU A 45 -11.07 15.88 8.70
N LEU A 46 -12.15 15.11 8.86
CA LEU A 46 -12.08 13.67 8.92
C LEU A 46 -13.22 13.10 8.12
N CYS A 47 -13.07 11.90 7.57
CA CYS A 47 -14.26 11.22 7.04
C CYS A 47 -14.95 10.53 8.19
N LEU A 48 -16.10 9.91 7.91
CA LEU A 48 -16.90 9.29 8.97
C LEU A 48 -16.22 8.14 9.70
N LYS A 49 -15.51 7.29 8.96
CA LYS A 49 -14.68 6.24 9.58
C LYS A 49 -13.75 6.85 10.63
N GLY A 50 -13.02 7.88 10.22
CA GLY A 50 -12.17 8.70 11.11
C GLY A 50 -12.87 9.30 12.31
N SER A 51 -14.03 9.93 12.11
CA SER A 51 -14.80 10.57 13.21
C SER A 51 -15.44 9.60 14.18
N LEU A 52 -15.53 8.33 13.78
CA LEU A 52 -16.09 7.28 14.61
C LEU A 52 -15.04 6.23 14.97
N LEU A 53 -13.87 6.69 15.40
CA LEU A 53 -12.82 5.79 15.89
C LEU A 53 -12.94 5.58 17.40
N ILE A 54 -13.60 6.48 18.11
CA ILE A 54 -13.74 6.31 19.55
C ILE A 54 -14.52 5.04 19.95
N PRO A 55 -15.67 4.75 19.29
CA PRO A 55 -16.27 3.41 19.55
C PRO A 55 -15.38 2.18 19.31
N VAL A 56 -14.39 2.26 18.42
CA VAL A 56 -13.47 1.13 18.17
C VAL A 56 -12.39 1.04 19.25
N LEU A 57 -11.80 2.20 19.56
CA LEU A 57 -10.93 2.34 20.72
C LEU A 57 -11.58 1.86 22.04
N ASN A 58 -12.87 2.11 22.19
CA ASN A 58 -13.59 1.69 23.37
C ASN A 58 -14.25 0.33 23.30
N SER A 59 -14.13 -0.38 22.19
CA SER A 59 -14.74 -1.70 22.09
C SER A 59 -14.16 -2.69 23.12
N LYS A 60 -15.03 -3.55 23.64
CA LYS A 60 -14.61 -4.60 24.60
C LYS A 60 -14.36 -5.94 23.90
N GLU A 61 -14.54 -5.95 22.59
CA GLU A 61 -14.30 -7.15 21.80
C GLU A 61 -12.85 -7.18 21.38
N ARG A 62 -12.01 -7.48 22.37
CA ARG A 62 -10.58 -7.43 22.26
C ARG A 62 -9.94 -8.69 22.81
N VAL A 63 -8.83 -9.06 22.17
CA VAL A 63 -7.82 -9.98 22.69
C VAL A 63 -7.02 -9.22 23.75
N THR A 64 -7.21 -9.60 25.02
CA THR A 64 -6.64 -8.85 26.17
C THR A 64 -5.74 -9.73 27.06
N GLN A 65 -5.46 -10.95 26.59
CA GLN A 65 -4.60 -11.90 27.31
C GLN A 65 -3.99 -12.92 26.33
N PRO A 66 -2.77 -13.43 26.60
CA PRO A 66 -2.21 -14.37 25.63
C PRO A 66 -2.96 -15.71 25.59
N LEU A 67 -2.91 -16.35 24.44
CA LEU A 67 -3.70 -17.56 24.17
C LEU A 67 -2.85 -18.59 23.44
N VAL A 68 -2.95 -19.85 23.87
CA VAL A 68 -2.39 -21.02 23.13
C VAL A 68 -3.46 -21.97 22.58
N ARG A 69 -3.14 -22.55 21.42
CA ARG A 69 -3.79 -23.75 20.97
C ARG A 69 -2.77 -24.88 21.19
N ARG A 70 -3.12 -25.80 22.09
CA ARG A 70 -2.23 -26.88 22.49
C ARG A 70 -1.99 -27.87 21.35
N HIS A 71 -3.01 -28.04 20.50
CA HIS A 71 -2.97 -28.96 19.39
C HIS A 71 -3.69 -28.31 18.18
N LYS A 72 -3.23 -28.58 16.95
CA LYS A 72 -3.88 -28.04 15.75
C LYS A 72 -5.35 -28.45 15.72
N GLY A 73 -6.25 -27.50 15.51
CA GLY A 73 -7.68 -27.80 15.50
C GLY A 73 -8.36 -27.73 16.86
N GLY A 74 -7.57 -27.42 17.90
CA GLY A 74 -8.02 -27.38 19.29
C GLY A 74 -8.61 -26.02 19.60
N LYS A 75 -8.90 -25.79 20.89
CA LYS A 75 -9.47 -24.53 21.37
C LYS A 75 -8.36 -23.60 21.87
N LEU A 76 -8.51 -22.29 21.69
CA LEU A 76 -7.56 -21.32 22.30
C LEU A 76 -7.82 -21.11 23.79
N GLU A 77 -6.78 -21.34 24.60
CA GLU A 77 -6.84 -21.29 26.07
C GLU A 77 -5.91 -20.22 26.62
N PRO A 78 -6.36 -19.48 27.65
CA PRO A 78 -5.50 -18.56 28.39
C PRO A 78 -4.15 -19.15 28.83
N VAL A 79 -3.13 -18.33 28.71
CA VAL A 79 -1.81 -18.72 29.10
C VAL A 79 -1.23 -17.40 29.61
N SER A 80 -0.16 -17.48 30.40
CA SER A 80 0.45 -16.29 30.94
C SER A 80 1.37 -15.70 29.88
N TRP A 81 1.68 -14.40 30.02
CA TRP A 81 2.75 -13.74 29.25
C TRP A 81 4.15 -14.42 29.21
N ASP A 82 4.62 -14.93 30.36
CA ASP A 82 5.93 -15.58 30.45
C ASP A 82 5.95 -16.94 29.79
N GLU A 83 4.92 -17.75 30.03
CA GLU A 83 4.77 -19.01 29.33
C GLU A 83 4.72 -18.79 27.82
N ALA A 84 3.80 -17.95 27.37
CA ALA A 84 3.70 -17.55 25.95
C ALA A 84 5.01 -17.04 25.38
N LEU A 85 5.68 -16.12 26.08
CA LEU A 85 6.92 -15.50 25.60
C LEU A 85 8.04 -16.51 25.48
N ASP A 86 8.07 -17.45 26.44
CA ASP A 86 8.98 -18.60 26.48
C ASP A 86 8.65 -19.63 25.43
N LEU A 87 7.36 -19.79 25.11
CA LEU A 87 6.94 -20.71 24.04
C LEU A 87 7.33 -20.16 22.67
N MET A 88 7.20 -18.85 22.52
CA MET A 88 7.63 -18.13 21.32
C MET A 88 9.16 -18.13 21.08
N ALA A 89 9.93 -17.77 22.10
CA ALA A 89 11.38 -17.70 22.01
C ALA A 89 11.98 -19.06 21.67
N SER A 90 11.61 -20.08 22.44
CA SER A 90 12.15 -21.42 22.25
C SER A 90 11.77 -22.04 20.91
N ARG A 91 10.58 -21.79 20.42
CA ARG A 91 10.17 -22.35 19.15
C ARG A 91 10.92 -21.77 17.98
N PHE A 92 10.97 -20.45 17.89
CA PHE A 92 11.79 -19.77 16.90
C PHE A 92 13.28 -20.13 17.04
N ARG A 93 13.82 -20.02 18.25
CA ARG A 93 15.23 -20.31 18.47
C ARG A 93 15.59 -21.68 17.96
N SER A 94 14.83 -22.69 18.34
CA SER A 94 15.23 -24.05 18.06
C SER A 94 14.85 -24.49 16.66
N SER A 95 13.80 -23.91 16.07
CA SER A 95 13.59 -24.06 14.63
C SER A 95 14.87 -23.67 13.91
N ILE A 96 15.39 -22.49 14.24
CA ILE A 96 16.66 -22.01 13.69
C ILE A 96 17.82 -23.00 13.90
N ASP A 97 18.01 -23.47 15.14
CA ASP A 97 19.05 -24.46 15.49
C ASP A 97 18.99 -25.74 14.67
N MET A 98 17.80 -26.06 14.20
CA MET A 98 17.53 -27.34 13.54
C MET A 98 17.55 -27.21 12.03
N TYR A 99 16.97 -26.11 11.54
CA TYR A 99 16.73 -25.96 10.11
C TYR A 99 17.38 -24.70 9.56
N GLY A 100 17.91 -23.86 10.46
CA GLY A 100 18.56 -22.63 10.08
C GLY A 100 17.58 -21.47 10.00
N PRO A 101 18.12 -20.25 9.87
CA PRO A 101 17.35 -18.98 9.89
C PRO A 101 16.14 -18.90 8.96
N ASN A 102 16.22 -19.59 7.83
CA ASN A 102 15.24 -19.40 6.77
C ASN A 102 13.95 -20.17 6.98
N SER A 103 13.86 -20.90 8.10
CA SER A 103 12.71 -21.71 8.44
C SER A 103 11.76 -20.87 9.28
N VAL A 104 12.05 -19.58 9.33
CA VAL A 104 11.47 -18.66 10.27
C VAL A 104 11.14 -17.37 9.50
N ALA A 105 9.99 -16.76 9.80
CA ALA A 105 9.52 -15.60 9.00
C ALA A 105 8.75 -14.55 9.80
N TRP A 106 8.71 -13.34 9.24
CA TRP A 106 7.92 -12.24 9.78
C TRP A 106 6.92 -11.84 8.70
N TYR A 107 5.62 -11.92 9.00
CA TYR A 107 4.62 -11.34 8.11
C TYR A 107 3.96 -10.14 8.79
N GLY A 108 4.40 -8.94 8.44
CA GLY A 108 3.90 -7.73 9.05
C GLY A 108 2.95 -6.94 8.16
N SER A 109 2.94 -5.65 8.39
CA SER A 109 1.81 -4.83 8.01
C SER A 109 2.22 -3.38 7.83
N GLY A 110 1.54 -2.70 6.93
CA GLY A 110 1.68 -1.26 6.77
C GLY A 110 0.76 -0.51 7.74
N GLN A 111 0.22 -1.25 8.71
CA GLN A 111 -0.56 -0.69 9.84
C GLN A 111 0.21 -0.78 11.16
N CYS A 112 1.36 -1.45 11.14
CA CYS A 112 2.28 -1.44 12.28
C CYS A 112 2.90 -0.06 12.40
N LEU A 113 3.28 0.31 13.62
CA LEU A 113 4.01 1.54 13.80
C LEU A 113 5.36 1.35 13.10
N THR A 114 5.90 2.44 12.54
CA THR A 114 7.27 2.38 11.97
C THR A 114 8.29 1.67 12.90
N GLU A 115 8.19 1.99 14.21
CA GLU A 115 9.12 1.49 15.22
C GLU A 115 8.99 0.01 15.44
N GLU A 116 7.75 -0.50 15.47
CA GLU A 116 7.45 -1.94 15.44
C GLU A 116 8.09 -2.63 14.24
N SER A 117 7.75 -2.20 13.05
CA SER A 117 8.33 -2.79 11.86
C SER A 117 9.88 -2.75 11.84
N TYR A 118 10.43 -1.64 12.35
CA TYR A 118 11.88 -1.41 12.34
C TYR A 118 12.56 -2.46 13.19
N VAL A 119 11.99 -2.71 14.36
CA VAL A 119 12.52 -3.68 15.34
C VAL A 119 12.39 -5.14 14.86
N ALA A 120 11.23 -5.56 14.38
CA ALA A 120 11.09 -6.90 13.77
C ALA A 120 12.04 -7.13 12.57
N ASN A 121 12.16 -6.13 11.71
CA ASN A 121 13.10 -6.20 10.59
C ASN A 121 14.57 -6.44 11.03
N LYS A 122 14.97 -5.81 12.13
CA LYS A 122 16.30 -6.00 12.76
C LYS A 122 16.46 -7.34 13.49
N ILE A 123 15.42 -7.84 14.16
CA ILE A 123 15.51 -9.13 14.83
C ILE A 123 15.81 -10.20 13.77
N PHE A 124 14.98 -10.25 12.74
CA PHE A 124 15.08 -11.29 11.73
C PHE A 124 16.32 -11.13 10.86
N LYS A 125 16.57 -9.93 10.35
CA LYS A 125 17.63 -9.75 9.37
C LYS A 125 19.02 -9.61 9.99
N GLY A 126 19.06 -8.98 11.16
CA GLY A 126 20.29 -8.86 11.94
C GLY A 126 20.41 -9.86 13.08
N GLY A 127 19.32 -10.15 13.75
CA GLY A 127 19.32 -11.21 14.77
C GLY A 127 19.45 -12.62 14.24
N PHE A 128 18.42 -13.08 13.53
CA PHE A 128 18.29 -14.47 13.11
C PHE A 128 19.03 -14.85 11.82
N GLY A 129 19.27 -13.86 10.94
CA GLY A 129 20.09 -14.03 9.74
C GLY A 129 19.29 -14.59 8.60
N THR A 130 18.03 -14.16 8.55
CA THR A 130 17.13 -14.51 7.47
C THR A 130 16.49 -13.24 6.92
N ASN A 131 16.19 -13.24 5.62
CA ASN A 131 15.58 -12.09 5.01
C ASN A 131 14.09 -12.28 4.80
N ASN A 132 13.59 -13.40 5.31
CA ASN A 132 12.17 -13.72 5.39
C ASN A 132 11.41 -12.75 6.31
N VAL A 133 11.36 -11.48 5.91
CA VAL A 133 10.53 -10.41 6.51
C VAL A 133 9.72 -9.84 5.36
N ASP A 134 8.39 -9.91 5.42
CA ASP A 134 7.59 -9.25 4.38
C ASP A 134 6.35 -8.65 5.03
N GLY A 135 5.27 -8.53 4.27
CA GLY A 135 4.07 -7.93 4.84
C GLY A 135 3.15 -7.48 3.74
N ASN A 136 2.00 -6.92 4.14
CA ASN A 136 0.90 -6.64 3.20
C ASN A 136 1.09 -5.47 2.21
N PRO A 137 2.08 -4.59 2.44
CA PRO A 137 2.33 -3.68 1.34
C PRO A 137 2.79 -4.38 0.05
N ARG A 138 3.31 -5.61 0.17
CA ARG A 138 3.61 -6.43 -1.00
C ARG A 138 2.34 -6.58 -1.83
N LEU A 139 1.21 -6.71 -1.14
CA LEU A 139 -0.10 -6.94 -1.79
C LEU A 139 -0.70 -5.68 -2.40
N CYS A 140 0.03 -4.56 -2.24
CA CYS A 140 -0.47 -3.20 -2.44
C CYS A 140 0.45 -2.29 -3.31
N MET A 141 1.49 -1.76 -2.64
CA MET A 141 2.41 -0.72 -3.14
C MET A 141 3.63 -1.25 -3.88
N ALA A 142 3.89 -2.56 -3.80
CA ALA A 142 5.01 -3.20 -4.52
C ALA A 142 5.21 -2.71 -5.98
N SER A 143 4.11 -2.64 -6.76
CA SER A 143 4.15 -2.08 -8.12
C SER A 143 4.51 -0.59 -8.19
N ALA A 144 4.10 0.18 -7.18
CA ALA A 144 4.42 1.62 -7.14
C ALA A 144 5.90 1.82 -6.76
N VAL A 145 6.39 0.94 -5.89
CA VAL A 145 7.83 0.87 -5.61
C VAL A 145 8.69 0.50 -6.85
N GLY A 146 8.32 -0.51 -7.63
CA GLY A 146 9.00 -0.81 -8.91
C GLY A 146 8.92 0.28 -9.99
N GLY A 147 7.73 0.85 -10.18
CA GLY A 147 7.51 2.00 -11.03
C GLY A 147 8.42 3.17 -10.67
N TYR A 148 8.38 3.64 -9.42
CA TYR A 148 9.23 4.79 -9.04
C TYR A 148 10.71 4.52 -9.14
N VAL A 149 11.13 3.32 -8.73
CA VAL A 149 12.57 2.96 -8.78
C VAL A 149 13.10 2.93 -10.21
N THR A 150 12.38 2.28 -11.12
CA THR A 150 12.87 2.07 -12.47
C THR A 150 12.84 3.38 -13.26
N SER A 151 11.79 4.20 -13.03
CA SER A 151 11.64 5.50 -13.66
C SER A 151 12.56 6.58 -13.09
N PHE A 152 12.64 6.65 -11.75
CA PHE A 152 13.36 7.71 -11.03
C PHE A 152 14.57 7.29 -10.20
N GLY A 153 14.78 5.99 -10.01
CA GLY A 153 15.88 5.53 -9.15
C GLY A 153 15.66 5.63 -7.65
N LYS A 154 14.54 6.22 -7.23
CA LYS A 154 14.18 6.23 -5.82
C LYS A 154 12.68 5.95 -5.65
N ASP A 155 12.34 5.38 -4.50
CA ASP A 155 10.95 5.14 -4.13
C ASP A 155 10.21 6.45 -3.70
N GLU A 156 8.88 6.40 -3.71
CA GLU A 156 8.03 7.43 -3.12
C GLU A 156 7.76 8.56 -4.10
N PRO A 157 6.62 9.26 -3.94
CA PRO A 157 6.35 10.39 -4.82
C PRO A 157 7.42 11.52 -4.71
N MET A 158 7.51 12.35 -5.75
CA MET A 158 8.35 13.55 -5.70
C MET A 158 7.55 14.79 -5.29
N GLY A 159 6.23 14.69 -5.26
CA GLY A 159 5.37 15.79 -4.83
C GLY A 159 4.57 15.42 -3.60
N THR A 160 3.51 16.17 -3.35
CA THR A 160 2.94 16.29 -2.01
C THR A 160 1.41 16.42 -2.14
N TYR A 161 0.62 16.31 -1.06
CA TYR A 161 -0.82 16.56 -1.19
C TYR A 161 -1.15 18.02 -1.53
N ALA A 162 -0.24 18.95 -1.16
CA ALA A 162 -0.42 20.38 -1.46
C ALA A 162 -0.54 20.65 -2.95
N ASP A 163 0.11 19.81 -3.75
CA ASP A 163 0.01 19.83 -5.21
C ASP A 163 -1.43 19.71 -5.74
N ILE A 164 -2.36 19.23 -4.91
CA ILE A 164 -3.74 19.06 -5.36
C ILE A 164 -4.36 20.42 -5.55
N ASP A 165 -3.97 21.39 -4.69
CA ASP A 165 -4.50 22.72 -4.72
C ASP A 165 -4.02 23.53 -5.93
N GLN A 166 -3.24 22.92 -6.81
CA GLN A 166 -2.61 23.69 -7.89
C GLN A 166 -2.64 23.00 -9.25
N ALA A 167 -3.03 21.72 -9.26
CA ALA A 167 -3.28 21.01 -10.52
C ALA A 167 -4.44 21.71 -11.23
N THR A 168 -4.36 21.84 -12.55
CA THR A 168 -5.50 22.27 -13.37
C THR A 168 -6.02 21.08 -14.18
N CYS A 169 -5.26 19.99 -14.21
CA CYS A 169 -5.75 18.72 -14.71
C CYS A 169 -5.47 17.61 -13.70
N PHE A 170 -6.47 16.76 -13.47
CA PHE A 170 -6.31 15.53 -12.70
C PHE A 170 -6.57 14.35 -13.60
N PHE A 171 -5.59 13.44 -13.67
CA PHE A 171 -5.73 12.15 -14.33
C PHE A 171 -5.83 11.08 -13.22
N ILE A 172 -7.06 10.73 -12.85
CA ILE A 172 -7.30 9.77 -11.78
C ILE A 172 -7.52 8.38 -12.37
N ILE A 173 -6.54 7.50 -12.20
CA ILE A 173 -6.63 6.17 -12.85
C ILE A 173 -6.46 5.00 -11.89
N GLY A 174 -7.32 3.99 -12.05
CA GLY A 174 -7.29 2.79 -11.21
C GLY A 174 -7.45 3.12 -9.74
N SER A 175 -8.38 4.03 -9.45
CA SER A 175 -8.50 4.69 -8.15
C SER A 175 -9.93 5.15 -7.90
N ASN A 176 -10.56 4.64 -6.83
CA ASN A 176 -11.88 5.09 -6.34
C ASN A 176 -11.67 6.00 -5.13
N THR A 177 -11.33 7.26 -5.39
CA THR A 177 -10.76 8.17 -4.39
C THR A 177 -11.84 8.54 -3.42
N SER A 178 -13.02 8.75 -3.97
CA SER A 178 -14.22 8.98 -3.22
C SER A 178 -14.37 8.01 -2.04
N GLU A 179 -14.08 6.73 -2.30
CA GLU A 179 -14.37 5.72 -1.28
C GLU A 179 -13.13 5.25 -0.58
N ALA A 180 -11.99 5.37 -1.27
CA ALA A 180 -10.73 4.89 -0.74
C ALA A 180 -9.92 5.93 0.04
N HIS A 181 -10.00 7.19 -0.39
CA HIS A 181 -9.23 8.30 0.15
C HIS A 181 -10.20 9.50 0.30
N PRO A 182 -11.24 9.36 1.17
CA PRO A 182 -12.35 10.27 1.17
C PRO A 182 -12.00 11.73 1.42
N VAL A 183 -11.12 12.02 2.37
CA VAL A 183 -10.75 13.42 2.64
C VAL A 183 -9.80 13.99 1.57
N LEU A 184 -9.14 13.10 0.84
CA LEU A 184 -8.33 13.56 -0.28
C LEU A 184 -9.23 13.74 -1.55
N PHE A 185 -10.28 12.94 -1.70
CA PHE A 185 -11.27 13.16 -2.73
C PHE A 185 -11.96 14.52 -2.59
N ARG A 186 -12.11 14.96 -1.34
CA ARG A 186 -12.76 16.23 -1.01
C ARG A 186 -11.87 17.44 -1.34
N ARG A 187 -10.56 17.29 -1.17
CA ARG A 187 -9.57 18.31 -1.59
C ARG A 187 -9.52 18.50 -3.12
N ILE A 188 -9.61 17.41 -3.87
CA ILE A 188 -9.73 17.42 -5.32
C ILE A 188 -11.02 18.09 -5.77
N ALA A 189 -12.15 17.67 -5.20
CA ALA A 189 -13.45 18.35 -5.39
C ALA A 189 -13.44 19.81 -4.94
N ARG A 190 -12.91 20.11 -3.77
CA ARG A 190 -12.72 21.52 -3.41
C ARG A 190 -11.88 22.35 -4.43
N ARG A 191 -10.87 21.73 -5.04
CA ARG A 191 -10.06 22.38 -6.08
C ARG A 191 -10.88 22.76 -7.34
N LYS A 192 -11.61 21.78 -7.87
CA LYS A 192 -12.52 21.95 -9.02
C LYS A 192 -13.61 22.98 -8.78
N GLN A 193 -13.93 23.18 -7.51
CA GLN A 193 -14.96 24.12 -7.11
C GLN A 193 -14.40 25.54 -6.95
N VAL A 194 -13.19 25.68 -6.42
CA VAL A 194 -12.59 27.03 -6.38
C VAL A 194 -12.23 27.51 -7.78
N GLU A 195 -11.87 26.55 -8.63
CA GLU A 195 -11.51 26.79 -10.01
C GLU A 195 -12.23 25.80 -10.97
N PRO A 196 -13.40 26.19 -11.52
CA PRO A 196 -14.22 25.29 -12.36
C PRO A 196 -13.60 24.90 -13.71
N GLY A 197 -12.60 25.68 -14.15
CA GLY A 197 -11.75 25.37 -15.29
C GLY A 197 -10.82 24.16 -15.16
N VAL A 198 -10.61 23.69 -13.92
CA VAL A 198 -9.97 22.39 -13.64
C VAL A 198 -10.67 21.16 -14.37
N LYS A 199 -9.87 20.35 -15.06
CA LYS A 199 -10.39 19.18 -15.74
C LYS A 199 -10.09 17.93 -14.94
N ILE A 200 -11.04 17.00 -14.87
CA ILE A 200 -10.83 15.75 -14.14
C ILE A 200 -11.14 14.57 -15.05
N ILE A 201 -10.14 13.72 -15.25
CA ILE A 201 -10.30 12.49 -16.04
C ILE A 201 -10.29 11.32 -15.06
N VAL A 202 -11.38 10.58 -14.97
CA VAL A 202 -11.36 9.34 -14.18
C VAL A 202 -11.28 8.16 -15.14
N ALA A 203 -10.19 7.40 -15.00
CA ALA A 203 -9.96 6.26 -15.89
C ALA A 203 -10.12 4.98 -15.09
N ASP A 204 -11.28 4.36 -15.25
CA ASP A 204 -11.68 3.23 -14.37
C ASP A 204 -12.81 2.44 -15.04
N PRO A 205 -12.66 1.11 -15.15
CA PRO A 205 -13.73 0.25 -15.70
C PRO A 205 -15.08 0.37 -14.99
N ARG A 206 -15.05 0.70 -13.70
CA ARG A 206 -16.27 0.95 -12.94
C ARG A 206 -16.64 2.43 -12.88
N ARG A 207 -17.93 2.72 -12.90
CA ARG A 207 -18.47 4.08 -12.77
C ARG A 207 -18.80 4.35 -11.30
N THR A 208 -17.85 4.95 -10.60
CA THR A 208 -17.89 5.09 -9.14
C THR A 208 -18.21 6.54 -8.80
N ASN A 209 -18.44 6.86 -7.52
CA ASN A 209 -18.74 8.27 -7.15
C ASN A 209 -17.60 9.24 -7.45
N THR A 210 -16.41 8.71 -7.70
CA THR A 210 -15.24 9.51 -8.10
C THR A 210 -15.41 10.14 -9.50
N SER A 211 -16.13 9.43 -10.37
CA SER A 211 -16.46 9.86 -11.72
C SER A 211 -17.50 10.95 -11.72
N ARG A 212 -18.13 11.19 -10.56
CA ARG A 212 -19.24 12.13 -10.46
C ARG A 212 -18.74 13.57 -10.34
N ILE A 213 -17.44 13.76 -10.22
CA ILE A 213 -16.85 15.09 -10.39
C ILE A 213 -16.03 15.20 -11.69
N ALA A 214 -15.97 14.10 -12.43
CA ALA A 214 -15.15 14.04 -13.64
C ALA A 214 -15.76 14.73 -14.88
N ASP A 215 -14.89 15.33 -15.68
CA ASP A 215 -15.28 15.79 -17.01
C ASP A 215 -15.30 14.65 -18.05
N MET A 216 -14.54 13.60 -17.79
CA MET A 216 -14.48 12.46 -18.68
C MET A 216 -14.32 11.23 -17.80
N HIS A 217 -15.24 10.29 -17.94
CA HIS A 217 -15.04 8.97 -17.39
C HIS A 217 -14.74 7.95 -18.46
N VAL A 218 -13.47 7.56 -18.56
CA VAL A 218 -12.95 6.51 -19.45
C VAL A 218 -13.18 5.08 -18.89
N ALA A 219 -14.22 4.37 -19.34
CA ALA A 219 -14.56 3.06 -18.78
C ALA A 219 -13.96 1.92 -19.59
N PHE A 220 -12.63 1.90 -19.69
CA PHE A 220 -11.94 0.93 -20.53
C PHE A 220 -12.04 -0.53 -20.04
N ARG A 221 -12.01 -1.47 -20.99
CA ARG A 221 -11.91 -2.92 -20.73
C ARG A 221 -10.75 -3.21 -19.77
N PRO A 222 -10.99 -4.00 -18.70
CA PRO A 222 -9.90 -4.35 -17.77
C PRO A 222 -8.62 -4.85 -18.46
N GLY A 223 -7.47 -4.29 -18.05
CA GLY A 223 -6.16 -4.71 -18.59
C GLY A 223 -5.58 -3.92 -19.76
N THR A 224 -6.39 -3.03 -20.33
CA THR A 224 -6.03 -2.25 -21.53
C THR A 224 -5.62 -0.78 -21.26
N ASP A 225 -5.39 -0.45 -20.00
CA ASP A 225 -4.97 0.91 -19.67
C ASP A 225 -3.52 1.27 -20.11
N LEU A 226 -2.66 0.25 -20.25
CA LEU A 226 -1.32 0.43 -20.76
C LEU A 226 -1.37 0.83 -22.23
N ALA A 227 -2.25 0.19 -23.00
CA ALA A 227 -2.46 0.56 -24.41
C ALA A 227 -3.02 1.98 -24.55
N PHE A 228 -4.08 2.28 -23.78
CA PHE A 228 -4.65 3.63 -23.62
C PHE A 228 -3.63 4.74 -23.31
N MET A 229 -2.74 4.50 -22.34
CA MET A 229 -1.71 5.45 -21.93
C MET A 229 -0.54 5.53 -22.91
N HIS A 230 -0.28 4.46 -23.66
CA HIS A 230 0.63 4.60 -24.79
C HIS A 230 -0.03 5.45 -25.87
N SER A 231 -1.31 5.22 -26.12
CA SER A 231 -2.01 6.04 -27.09
C SER A 231 -2.04 7.53 -26.78
N MET A 232 -2.21 7.85 -25.49
CA MET A 232 -2.17 9.24 -24.99
C MET A 232 -0.80 9.87 -25.31
N ALA A 233 0.26 9.12 -25.09
CA ALA A 233 1.61 9.53 -25.44
C ALA A 233 1.75 9.82 -26.94
N TRP A 234 1.26 8.90 -27.76
CA TRP A 234 1.19 9.12 -29.21
C TRP A 234 0.50 10.44 -29.57
N VAL A 235 -0.67 10.72 -28.97
CA VAL A 235 -1.43 11.95 -29.27
C VAL A 235 -0.61 13.19 -28.92
N ILE A 236 0.02 13.14 -27.74
CA ILE A 236 0.82 14.22 -27.19
C ILE A 236 2.01 14.58 -28.09
N ILE A 237 2.70 13.56 -28.60
CA ILE A 237 3.84 13.74 -29.52
C ILE A 237 3.32 14.07 -30.92
N ASN A 238 2.29 13.34 -31.37
CA ASN A 238 1.66 13.68 -32.64
C ASN A 238 1.27 15.17 -32.80
N GLU A 239 0.63 15.74 -31.77
CA GLU A 239 0.10 17.11 -31.87
C GLU A 239 1.05 18.15 -31.30
N GLU A 240 2.29 17.71 -31.05
CA GLU A 240 3.41 18.56 -30.70
C GLU A 240 3.22 19.27 -29.37
N LEU A 241 2.77 18.47 -28.40
CA LEU A 241 2.39 18.93 -27.07
C LEU A 241 3.41 18.48 -26.01
N ASP A 242 4.51 17.88 -26.45
CA ASP A 242 5.60 17.48 -25.56
C ASP A 242 6.50 18.64 -25.16
N ASN A 243 7.43 18.37 -24.25
CA ASN A 243 8.36 19.36 -23.70
C ASN A 243 9.82 19.02 -23.98
N PRO A 244 10.30 19.29 -25.22
CA PRO A 244 11.64 18.82 -25.63
C PRO A 244 12.78 19.39 -24.77
N ARG A 245 12.62 20.63 -24.33
CA ARG A 245 13.55 21.27 -23.41
C ARG A 245 13.76 20.45 -22.15
N PHE A 246 12.68 19.81 -21.70
CA PHE A 246 12.72 18.95 -20.56
C PHE A 246 13.22 17.54 -20.90
N TRP A 247 12.57 16.83 -21.82
CA TRP A 247 12.99 15.43 -22.05
C TRP A 247 14.39 15.34 -22.70
N GLN A 248 14.83 16.44 -23.32
CA GLN A 248 16.16 16.45 -23.93
C GLN A 248 17.24 16.53 -22.88
N ARG A 249 16.99 17.30 -21.83
CA ARG A 249 17.98 17.52 -20.80
C ARG A 249 17.80 16.57 -19.61
N TYR A 250 16.59 16.06 -19.41
CA TYR A 250 16.32 15.40 -18.13
C TYR A 250 15.86 13.96 -18.21
N VAL A 251 15.77 13.43 -19.41
CA VAL A 251 15.14 12.12 -19.67
C VAL A 251 16.02 11.21 -20.55
N ASN A 252 15.92 9.91 -20.30
CA ASN A 252 16.50 8.85 -21.15
C ASN A 252 15.36 7.92 -21.54
N PHE A 253 15.60 7.15 -22.61
CA PHE A 253 14.59 6.27 -23.24
C PHE A 253 15.12 4.83 -23.31
N MET A 254 14.27 3.86 -22.98
CA MET A 254 14.60 2.45 -23.04
C MET A 254 13.53 1.79 -23.85
N ASP A 255 13.93 1.01 -24.84
CA ASP A 255 13.00 0.47 -25.81
C ASP A 255 12.26 -0.74 -25.25
N ALA A 256 11.51 -1.45 -26.10
CA ALA A 256 10.71 -2.59 -25.65
C ALA A 256 11.56 -3.76 -25.12
N GLU A 257 12.73 -3.96 -25.74
CA GLU A 257 13.71 -4.94 -25.25
C GLU A 257 14.60 -4.37 -24.15
N GLY A 258 14.20 -3.26 -23.54
CA GLY A 258 14.97 -2.65 -22.44
C GLY A 258 16.37 -2.14 -22.77
N LYS A 259 16.59 -1.72 -24.01
CA LYS A 259 17.90 -1.17 -24.41
C LYS A 259 17.83 0.34 -24.59
N PRO A 260 18.95 1.07 -24.36
CA PRO A 260 18.90 2.50 -24.60
C PRO A 260 18.32 2.84 -25.98
N SER A 261 17.53 3.90 -26.02
CA SER A 261 16.93 4.37 -27.23
C SER A 261 16.97 5.90 -27.20
N ASP A 262 16.05 6.52 -27.93
CA ASP A 262 16.00 7.97 -28.10
C ASP A 262 14.57 8.33 -28.45
N PHE A 263 14.29 9.62 -28.64
CA PHE A 263 12.94 10.12 -28.96
C PHE A 263 12.27 9.47 -30.18
N GLU A 264 13.08 9.17 -31.21
CA GLU A 264 12.59 8.66 -32.49
C GLU A 264 12.21 7.22 -32.30
N GLY A 265 13.04 6.53 -31.51
CA GLY A 265 12.75 5.18 -31.05
C GLY A 265 11.45 5.14 -30.29
N TYR A 266 11.22 6.17 -29.47
CA TYR A 266 9.96 6.31 -28.73
C TYR A 266 8.80 6.54 -29.70
N LYS A 267 8.91 7.57 -30.55
CA LYS A 267 7.96 7.79 -31.63
C LYS A 267 7.60 6.55 -32.46
N ALA A 268 8.59 5.75 -32.80
CA ALA A 268 8.38 4.56 -33.64
C ALA A 268 7.67 3.43 -32.87
N PHE A 269 7.99 3.28 -31.61
CA PHE A 269 7.32 2.29 -30.76
C PHE A 269 5.82 2.66 -30.60
N LEU A 270 5.54 3.94 -30.40
CA LEU A 270 4.22 4.46 -30.13
C LEU A 270 3.29 4.39 -31.33
N GLU A 271 3.89 4.22 -32.51
CA GLU A 271 3.12 4.05 -33.76
C GLU A 271 2.21 2.85 -33.75
N ASN A 272 2.51 1.86 -32.89
CA ASN A 272 1.63 0.70 -32.69
C ASN A 272 0.46 0.95 -31.82
N TYR A 273 0.33 2.20 -31.39
CA TYR A 273 -0.65 2.59 -30.40
C TYR A 273 -1.46 3.77 -30.86
N ARG A 274 -1.72 3.85 -32.17
CA ARG A 274 -2.63 4.84 -32.76
C ARG A 274 -4.02 4.83 -32.07
N PRO A 275 -4.56 6.02 -31.73
CA PRO A 275 -5.90 6.11 -31.13
C PRO A 275 -7.01 5.22 -31.71
N GLU A 276 -7.09 5.07 -33.02
CA GLU A 276 -8.22 4.32 -33.61
C GLU A 276 -8.13 2.82 -33.42
N LYS A 277 -6.90 2.30 -33.45
CA LYS A 277 -6.57 0.93 -33.05
C LYS A 277 -6.90 0.67 -31.56
N VAL A 278 -6.35 1.53 -30.68
CA VAL A 278 -6.40 1.36 -29.23
C VAL A 278 -7.80 1.54 -28.64
N ALA A 279 -8.62 2.36 -29.29
CA ALA A 279 -10.01 2.54 -28.94
C ALA A 279 -10.79 1.23 -29.08
N GLU A 280 -10.54 0.50 -30.16
CA GLU A 280 -11.19 -0.81 -30.35
C GLU A 280 -10.73 -1.78 -29.26
N ILE A 281 -9.44 -1.74 -28.91
CA ILE A 281 -8.89 -2.62 -27.87
C ILE A 281 -9.47 -2.30 -26.50
N CYS A 282 -9.51 -1.01 -26.15
CA CYS A 282 -9.95 -0.54 -24.84
C CYS A 282 -11.47 -0.55 -24.69
N ARG A 283 -12.15 -0.50 -25.84
CA ARG A 283 -13.62 -0.46 -25.94
C ARG A 283 -14.16 0.90 -25.47
N VAL A 284 -13.49 1.99 -25.86
CA VAL A 284 -13.90 3.32 -25.49
C VAL A 284 -14.05 4.10 -26.79
N PRO A 285 -14.81 5.23 -26.78
CA PRO A 285 -14.80 6.05 -27.99
C PRO A 285 -13.43 6.70 -28.22
N VAL A 286 -12.97 6.72 -29.47
CA VAL A 286 -11.61 7.17 -29.83
C VAL A 286 -11.27 8.58 -29.34
N GLU A 287 -12.27 9.46 -29.37
CA GLU A 287 -12.14 10.84 -28.86
C GLU A 287 -11.80 10.95 -27.36
N GLN A 288 -12.11 9.91 -26.59
CA GLN A 288 -11.70 9.79 -25.18
C GLN A 288 -10.16 9.78 -24.94
N ILE A 289 -9.43 9.16 -25.86
CA ILE A 289 -7.95 9.16 -25.87
C ILE A 289 -7.39 10.56 -26.18
N TYR A 290 -7.88 11.17 -27.24
CA TYR A 290 -7.47 12.50 -27.65
C TYR A 290 -7.77 13.54 -26.60
N GLY A 291 -8.96 13.48 -26.00
CA GLY A 291 -9.37 14.45 -25.01
C GLY A 291 -8.70 14.27 -23.67
N ALA A 292 -8.39 13.00 -23.33
CA ALA A 292 -7.57 12.66 -22.15
C ALA A 292 -6.18 13.22 -22.37
N ALA A 293 -5.56 12.81 -23.47
CA ALA A 293 -4.19 13.20 -23.78
C ALA A 293 -4.10 14.68 -23.80
N ARG A 294 -4.98 15.33 -24.56
CA ARG A 294 -4.99 16.78 -24.65
C ARG A 294 -5.15 17.53 -23.31
N ALA A 295 -6.13 17.16 -22.48
CA ALA A 295 -6.30 17.78 -21.18
C ALA A 295 -4.98 17.64 -20.39
N PHE A 296 -4.36 16.46 -20.45
CA PHE A 296 -3.11 16.20 -19.76
C PHE A 296 -1.97 17.15 -20.16
N ALA A 297 -1.63 17.14 -21.45
CA ALA A 297 -0.49 17.91 -21.94
C ALA A 297 -0.73 19.42 -22.05
N GLU A 298 -1.97 19.80 -22.34
CA GLU A 298 -2.34 21.19 -22.62
C GLU A 298 -2.55 22.00 -21.38
N SER A 299 -2.95 21.34 -20.28
CA SER A 299 -3.14 21.99 -18.99
C SER A 299 -1.86 22.58 -18.42
N ALA A 300 -2.00 23.67 -17.68
CA ALA A 300 -0.91 24.36 -16.97
C ALA A 300 -0.12 23.43 -16.04
N ALA A 301 -0.85 22.69 -15.17
CA ALA A 301 -0.26 21.73 -14.24
C ALA A 301 -1.16 20.48 -14.15
N THR A 302 -0.60 19.31 -14.42
CA THR A 302 -1.37 18.06 -14.43
C THR A 302 -0.86 17.08 -13.37
N MET A 303 -1.78 16.59 -12.52
CA MET A 303 -1.50 15.55 -11.52
C MET A 303 -2.17 14.22 -11.88
N SER A 304 -1.38 13.16 -11.85
CA SER A 304 -1.88 11.79 -12.01
C SER A 304 -2.06 11.22 -10.64
N LEU A 305 -3.17 10.53 -10.38
CA LEU A 305 -3.33 9.81 -9.09
C LEU A 305 -3.82 8.42 -9.38
N TRP A 306 -3.23 7.44 -8.73
CA TRP A 306 -3.64 6.05 -9.02
C TRP A 306 -3.54 5.18 -7.80
N CYS A 307 -4.33 4.11 -7.79
CA CYS A 307 -4.26 3.17 -6.69
C CYS A 307 -4.30 1.71 -7.18
N MET A 308 -5.21 0.90 -6.66
CA MET A 308 -5.07 -0.54 -6.87
C MET A 308 -5.36 -1.06 -8.28
N GLY A 309 -6.07 -0.25 -9.08
CA GLY A 309 -6.48 -0.70 -10.41
C GLY A 309 -5.28 -0.76 -11.31
N ILE A 310 -4.28 0.02 -10.94
CA ILE A 310 -3.01 0.01 -11.61
C ILE A 310 -2.02 -1.00 -10.99
N ASN A 311 -1.99 -1.08 -9.66
CA ASN A 311 -0.93 -1.80 -8.98
C ASN A 311 -1.19 -3.29 -8.82
N GLN A 312 -2.44 -3.64 -8.57
CA GLN A 312 -2.78 -5.05 -8.39
C GLN A 312 -2.92 -5.74 -9.73
N ARG A 313 -1.79 -5.90 -10.41
CA ARG A 313 -1.71 -6.29 -11.80
C ARG A 313 -0.37 -6.98 -12.02
N VAL A 314 -0.32 -8.01 -12.89
CA VAL A 314 0.95 -8.61 -13.35
C VAL A 314 1.71 -7.68 -14.28
N GLN A 315 1.02 -6.69 -14.83
CA GLN A 315 1.68 -5.62 -15.58
C GLN A 315 1.67 -4.36 -14.75
N GLY A 316 1.80 -4.50 -13.42
CA GLY A 316 1.71 -3.39 -12.48
C GLY A 316 2.81 -2.35 -12.54
N VAL A 317 4.07 -2.77 -12.58
CA VAL A 317 5.20 -1.83 -12.57
C VAL A 317 5.28 -1.12 -13.91
N PHE A 318 4.93 -1.85 -14.99
CA PHE A 318 4.92 -1.30 -16.35
C PHE A 318 3.81 -0.25 -16.46
N ALA A 319 2.67 -0.53 -15.83
CA ALA A 319 1.59 0.45 -15.73
C ALA A 319 2.01 1.74 -15.00
N ASN A 320 2.91 1.65 -14.01
CA ASN A 320 3.39 2.83 -13.28
C ASN A 320 4.35 3.64 -14.11
N ASN A 321 5.29 2.93 -14.75
CA ASN A 321 6.22 3.50 -15.72
C ASN A 321 5.45 4.27 -16.77
N LEU A 322 4.28 3.79 -17.17
CA LEU A 322 3.46 4.48 -18.21
C LEU A 322 2.81 5.78 -17.78
N ILE A 323 2.38 5.88 -16.53
CA ILE A 323 1.93 7.16 -15.99
C ILE A 323 3.10 8.17 -15.94
N HIS A 324 4.29 7.70 -15.58
CA HIS A 324 5.48 8.54 -15.51
C HIS A 324 5.98 8.93 -16.89
N ASN A 325 5.87 8.01 -17.86
CA ASN A 325 6.15 8.31 -19.26
C ASN A 325 5.40 9.57 -19.68
N LEU A 326 4.18 9.71 -19.17
CA LEU A 326 3.29 10.82 -19.54
C LEU A 326 3.75 12.15 -18.98
N HIS A 327 4.12 12.13 -17.70
CA HIS A 327 4.72 13.29 -17.03
C HIS A 327 6.10 13.63 -17.54
N LEU A 328 6.94 12.62 -17.79
CA LEU A 328 8.29 12.83 -18.34
C LEU A 328 8.32 13.44 -19.73
N ILE A 329 7.40 13.02 -20.60
CA ILE A 329 7.32 13.53 -21.96
C ILE A 329 6.83 14.97 -22.09
N THR A 330 6.10 15.43 -21.07
CA THR A 330 5.41 16.75 -21.05
C THR A 330 6.03 17.72 -20.03
N GLY A 331 6.82 17.20 -19.09
CA GLY A 331 7.48 18.01 -18.08
C GLY A 331 6.50 18.45 -17.01
N GLN A 332 5.41 17.70 -16.90
CA GLN A 332 4.41 17.87 -15.84
C GLN A 332 4.96 17.22 -14.56
N ILE A 333 5.97 17.86 -14.03
CA ILE A 333 6.69 17.28 -12.90
C ILE A 333 7.59 18.37 -12.34
N CYS A 334 7.94 18.21 -11.07
CA CYS A 334 8.96 18.98 -10.38
C CYS A 334 8.65 20.47 -10.24
N ARG A 335 7.36 20.78 -10.30
CA ARG A 335 6.87 22.14 -10.10
C ARG A 335 5.48 22.05 -9.44
N PRO A 336 5.02 23.15 -8.79
CA PRO A 336 3.77 23.10 -8.05
C PRO A 336 2.55 22.75 -8.89
N GLY A 337 1.85 21.69 -8.49
CA GLY A 337 0.58 21.30 -9.07
C GLY A 337 0.70 20.22 -10.13
N ALA A 338 1.92 20.03 -10.63
CA ALA A 338 2.23 19.13 -11.74
C ALA A 338 3.10 18.06 -11.15
N THR A 339 2.61 16.82 -11.14
CA THR A 339 3.33 15.70 -10.52
C THR A 339 2.67 14.31 -10.74
N SER A 340 3.50 13.28 -10.64
CA SER A 340 3.13 11.85 -10.77
C SER A 340 2.92 11.22 -9.38
N PHE A 341 1.66 11.07 -8.95
CA PHE A 341 1.38 10.87 -7.52
C PHE A 341 0.65 9.60 -7.19
N SER A 342 1.42 8.58 -6.80
CA SER A 342 0.85 7.30 -6.45
C SER A 342 0.18 7.41 -5.08
N LEU A 343 -1.10 7.02 -5.03
CA LEU A 343 -1.84 6.86 -3.78
C LEU A 343 -1.44 5.56 -3.05
N THR A 344 -1.08 5.70 -1.77
CA THR A 344 -0.79 4.56 -0.90
C THR A 344 -2.05 4.33 -0.09
N GLY A 345 -2.42 3.07 0.10
CA GLY A 345 -3.65 2.74 0.77
C GLY A 345 -3.56 2.67 2.29
N GLN A 346 -2.49 2.09 2.80
CA GLN A 346 -2.36 1.90 4.25
C GLN A 346 -1.78 3.12 4.95
N PRO A 347 -2.04 3.27 6.28
CA PRO A 347 -1.60 4.44 6.98
C PRO A 347 -0.08 4.53 7.02
N ASN A 348 0.58 3.37 6.90
CA ASN A 348 2.02 3.24 7.10
C ASN A 348 2.75 2.20 6.22
N ALA A 349 2.28 1.95 5.00
CA ALA A 349 3.09 1.14 4.08
C ALA A 349 4.39 1.89 3.74
N CYS A 350 4.25 3.20 3.73
CA CYS A 350 5.29 4.11 3.31
C CYS A 350 6.40 4.22 4.34
N GLY A 351 6.05 4.59 5.56
CA GLY A 351 7.06 4.93 6.54
C GLY A 351 7.59 3.66 7.15
N GLY A 352 6.68 2.75 7.43
CA GLY A 352 6.98 1.60 8.26
C GLY A 352 7.73 0.48 7.60
N VAL A 353 7.32 0.20 6.37
CA VAL A 353 7.78 -0.99 5.67
C VAL A 353 8.47 -0.67 4.32
N ARG A 354 7.95 0.32 3.57
CA ARG A 354 8.66 0.73 2.33
C ARG A 354 9.95 1.45 2.68
N ASP A 355 9.85 2.57 3.41
CA ASP A 355 11.03 3.36 3.79
C ASP A 355 11.97 2.59 4.70
N GLY A 356 11.41 1.87 5.66
CA GLY A 356 12.24 1.15 6.60
C GLY A 356 12.68 -0.23 6.12
N GLY A 357 12.47 -0.50 4.82
CA GLY A 357 12.78 -1.77 4.18
C GLY A 357 12.42 -3.01 4.97
N ALA A 358 11.19 -3.10 5.43
CA ALA A 358 10.71 -4.32 6.07
C ALA A 358 10.08 -5.24 5.03
N LEU A 359 10.75 -5.36 3.88
CA LEU A 359 10.37 -6.32 2.86
C LEU A 359 11.54 -7.27 2.57
N SER A 360 11.25 -8.43 1.97
CA SER A 360 12.21 -9.53 1.90
C SER A 360 13.49 -9.21 1.11
N HIS A 361 13.41 -8.20 0.24
CA HIS A 361 14.47 -7.94 -0.74
C HIS A 361 15.21 -6.62 -0.46
N LEU A 362 14.90 -6.01 0.69
CA LEU A 362 15.32 -4.65 1.00
C LEU A 362 15.99 -4.50 2.38
N LEU A 363 16.73 -3.39 2.55
CA LEU A 363 17.30 -2.95 3.84
C LEU A 363 16.85 -1.50 4.17
N PRO A 364 16.98 -1.04 5.44
CA PRO A 364 16.47 0.31 5.76
C PRO A 364 17.02 1.44 4.93
N ALA A 365 16.15 2.41 4.68
CA ALA A 365 16.51 3.74 4.13
C ALA A 365 17.17 3.72 2.74
N GLY A 366 16.50 3.04 1.80
CA GLY A 366 16.89 3.04 0.38
C GLY A 366 17.83 1.93 -0.03
N ARG A 367 18.10 1.01 0.90
CA ARG A 367 19.15 0.01 0.74
C ARG A 367 18.62 -1.32 0.23
N ALA A 368 19.46 -2.06 -0.51
CA ALA A 368 19.05 -3.32 -1.14
C ALA A 368 19.88 -4.49 -0.61
N ILE A 369 19.23 -5.63 -0.38
CA ILE A 369 19.93 -6.76 0.17
C ILE A 369 20.98 -7.38 -0.78
N PRO A 370 20.74 -7.45 -2.11
CA PRO A 370 21.83 -7.90 -2.99
C PRO A 370 23.02 -6.94 -3.14
N ASN A 371 22.91 -5.72 -2.65
CA ASN A 371 23.96 -4.74 -2.78
C ASN A 371 24.93 -4.95 -1.65
N ALA A 372 26.08 -5.55 -1.98
CA ALA A 372 27.12 -5.87 -1.01
C ALA A 372 27.47 -4.69 -0.12
N LYS A 373 27.60 -3.51 -0.72
CA LYS A 373 28.00 -2.33 0.03
C LYS A 373 26.96 -1.91 1.07
N HIS A 374 25.67 -1.99 0.70
CA HIS A 374 24.55 -1.68 1.61
C HIS A 374 24.53 -2.58 2.82
N ARG A 375 24.64 -3.89 2.54
CA ARG A 375 24.70 -4.92 3.57
C ARG A 375 25.76 -4.60 4.61
N ALA A 376 26.99 -4.36 4.14
CA ALA A 376 28.13 -3.96 4.98
C ALA A 376 27.85 -2.66 5.75
N GLU A 377 27.15 -1.72 5.13
CA GLU A 377 26.87 -0.45 5.80
C GLU A 377 25.74 -0.55 6.80
N MET A 378 24.91 -1.60 6.69
CA MET A 378 23.90 -1.92 7.71
C MET A 378 24.51 -2.71 8.86
N GLU A 379 25.39 -3.65 8.52
CA GLU A 379 26.19 -4.40 9.49
C GLU A 379 27.00 -3.50 10.39
N LYS A 380 27.63 -2.46 9.82
CA LYS A 380 28.28 -1.40 10.62
C LYS A 380 27.32 -0.67 11.55
N LEU A 381 26.21 -0.16 10.99
CA LEU A 381 25.21 0.59 11.72
C LEU A 381 24.46 -0.23 12.79
N TRP A 382 24.26 -1.53 12.55
CA TRP A 382 23.58 -2.38 13.53
C TRP A 382 24.56 -3.09 14.46
N GLY A 383 25.85 -2.89 14.20
CA GLY A 383 26.95 -3.49 14.95
C GLY A 383 26.96 -4.99 14.79
N LEU A 384 26.86 -5.48 13.56
CA LEU A 384 26.78 -6.93 13.32
C LEU A 384 28.10 -7.58 12.90
N PRO A 385 28.23 -8.92 13.11
CA PRO A 385 29.29 -9.68 12.44
C PRO A 385 29.23 -9.48 10.92
N GLU A 386 30.39 -9.52 10.26
CA GLU A 386 30.46 -9.44 8.80
C GLU A 386 29.75 -10.64 8.21
N GLY A 387 29.04 -10.42 7.08
CA GLY A 387 28.37 -11.50 6.38
C GLY A 387 27.12 -11.99 7.05
N ARG A 388 26.72 -11.31 8.14
CA ARG A 388 25.53 -11.69 8.88
C ARG A 388 24.24 -11.52 8.10
N ILE A 389 24.07 -10.39 7.42
CA ILE A 389 22.89 -10.19 6.61
C ILE A 389 23.00 -11.08 5.37
N ALA A 390 22.06 -12.01 5.22
CA ALA A 390 22.03 -12.91 4.07
C ALA A 390 22.13 -12.11 2.77
N PRO A 391 22.82 -12.66 1.75
CA PRO A 391 22.98 -11.96 0.46
C PRO A 391 21.80 -12.07 -0.52
N GLU A 392 20.90 -13.01 -0.30
CA GLU A 392 19.80 -13.20 -1.23
C GLU A 392 18.52 -12.92 -0.51
N PRO A 393 17.53 -12.34 -1.22
CA PRO A 393 16.31 -11.89 -0.61
C PRO A 393 15.47 -13.04 -0.08
N GLY A 394 14.77 -12.80 1.02
CA GLY A 394 13.83 -13.74 1.59
C GLY A 394 12.59 -13.97 0.75
N TYR A 395 11.60 -14.66 1.32
CA TYR A 395 10.35 -14.88 0.61
C TYR A 395 9.43 -13.65 0.58
N HIS A 396 9.12 -13.19 -0.62
CA HIS A 396 7.96 -12.36 -0.85
C HIS A 396 6.68 -13.11 -0.49
N THR A 397 5.60 -12.38 -0.26
CA THR A 397 4.43 -12.89 0.44
C THR A 397 3.81 -14.16 -0.18
N VAL A 398 3.58 -14.16 -1.49
CA VAL A 398 3.08 -15.36 -2.16
C VAL A 398 4.04 -16.54 -1.98
N ALA A 399 5.33 -16.33 -2.22
CA ALA A 399 6.38 -17.35 -2.01
C ALA A 399 6.48 -17.82 -0.55
N LEU A 400 6.22 -16.88 0.37
CA LEU A 400 6.32 -17.12 1.82
C LEU A 400 5.35 -18.20 2.28
N PHE A 401 4.09 -17.98 1.90
CA PHE A 401 2.98 -18.80 2.29
C PHE A 401 2.94 -20.08 1.48
N GLU A 402 3.65 -20.11 0.34
CA GLU A 402 3.89 -21.37 -0.41
C GLU A 402 4.89 -22.24 0.36
N ALA A 403 5.95 -21.60 0.84
CA ALA A 403 6.91 -22.24 1.72
C ALA A 403 6.30 -22.66 3.05
N LEU A 404 5.33 -21.93 3.58
CA LEU A 404 4.72 -22.36 4.84
C LEU A 404 4.10 -23.74 4.62
N GLY A 405 3.34 -23.86 3.53
CA GLY A 405 2.70 -25.11 3.11
C GLY A 405 3.65 -26.26 2.79
N ARG A 406 4.80 -25.95 2.19
CA ARG A 406 5.81 -26.97 1.92
C ARG A 406 6.51 -27.44 3.19
N GLY A 407 6.49 -26.59 4.21
CA GLY A 407 7.21 -26.79 5.46
C GLY A 407 8.63 -26.24 5.39
N ASP A 408 8.91 -25.35 4.45
CA ASP A 408 10.25 -24.72 4.40
C ASP A 408 10.29 -23.63 5.47
N VAL A 409 9.16 -22.93 5.64
CA VAL A 409 8.98 -22.03 6.79
C VAL A 409 8.17 -22.80 7.81
N LYS A 410 8.73 -22.99 9.00
CA LYS A 410 8.01 -23.70 10.05
C LYS A 410 7.44 -22.79 11.15
N CYS A 411 8.05 -21.63 11.37
CA CYS A 411 7.54 -20.64 12.35
C CYS A 411 7.24 -19.33 11.67
N MET A 412 6.08 -18.76 12.00
CA MET A 412 5.68 -17.42 11.49
C MET A 412 5.03 -16.51 12.54
N ILE A 413 5.52 -15.27 12.64
CA ILE A 413 4.76 -14.21 13.33
C ILE A 413 3.93 -13.47 12.30
N ILE A 414 2.62 -13.43 12.52
CA ILE A 414 1.71 -12.65 11.70
C ILE A 414 1.26 -11.45 12.51
N CYS A 415 1.64 -10.27 12.08
CA CYS A 415 1.39 -9.09 12.91
C CYS A 415 0.56 -8.03 12.17
N GLU A 416 -0.58 -7.67 12.79
CA GLU A 416 -1.46 -6.53 12.37
C GLU A 416 -1.90 -6.63 10.91
N THR A 417 -2.18 -7.87 10.51
CA THR A 417 -2.70 -8.20 9.19
C THR A 417 -3.53 -9.52 9.29
N ASN A 418 -4.33 -9.80 8.27
CA ASN A 418 -5.31 -10.85 8.32
C ASN A 418 -5.18 -11.74 7.07
N PRO A 419 -4.04 -12.47 6.92
CA PRO A 419 -3.73 -13.17 5.66
C PRO A 419 -4.75 -14.21 5.18
N ALA A 420 -5.48 -14.83 6.11
CA ALA A 420 -6.49 -15.82 5.77
C ALA A 420 -7.79 -15.25 5.19
N HIS A 421 -7.83 -13.92 4.98
CA HIS A 421 -9.02 -13.22 4.48
C HIS A 421 -8.65 -12.40 3.23
N THR A 422 -7.39 -11.98 3.19
CA THR A 422 -6.91 -11.02 2.20
C THR A 422 -5.84 -11.50 1.23
N LEU A 423 -5.28 -12.70 1.45
CA LEU A 423 -4.36 -13.27 0.49
C LEU A 423 -5.17 -13.88 -0.64
N PRO A 424 -4.64 -13.80 -1.89
CA PRO A 424 -5.39 -14.29 -3.05
C PRO A 424 -5.32 -15.81 -3.17
N ASN A 425 -6.37 -16.43 -3.71
CA ASN A 425 -6.35 -17.89 -3.93
C ASN A 425 -6.35 -18.57 -2.57
N LEU A 426 -7.41 -18.28 -1.79
CA LEU A 426 -7.44 -18.62 -0.36
C LEU A 426 -7.55 -20.12 -0.07
N ASN A 427 -8.08 -20.89 -1.01
CA ASN A 427 -8.14 -22.34 -0.82
C ASN A 427 -6.73 -22.93 -0.76
N LYS A 428 -5.82 -22.35 -1.53
CA LYS A 428 -4.40 -22.69 -1.50
C LYS A 428 -3.80 -22.19 -0.17
N VAL A 429 -4.02 -20.90 0.13
CA VAL A 429 -3.52 -20.27 1.36
C VAL A 429 -4.00 -20.98 2.63
N HIS A 430 -5.31 -21.23 2.73
CA HIS A 430 -5.86 -21.97 3.88
C HIS A 430 -5.16 -23.33 4.05
N LYS A 431 -5.11 -24.12 2.97
CA LYS A 431 -4.28 -25.34 2.94
C LYS A 431 -2.90 -25.15 3.55
N ALA A 432 -2.16 -24.17 3.04
CA ALA A 432 -0.81 -23.86 3.48
C ALA A 432 -0.72 -23.48 4.96
N MET A 433 -1.69 -22.70 5.44
CA MET A 433 -1.74 -22.19 6.81
C MET A 433 -2.06 -23.27 7.87
N SER A 434 -2.58 -24.41 7.39
CA SER A 434 -2.97 -25.55 8.22
C SER A 434 -1.91 -26.67 8.22
N HIS A 435 -0.68 -26.33 7.83
CA HIS A 435 0.40 -27.29 7.95
C HIS A 435 0.53 -27.74 9.40
N PRO A 436 0.41 -29.05 9.65
CA PRO A 436 0.41 -29.71 10.95
C PRO A 436 1.61 -29.39 11.82
N GLU A 437 2.70 -28.97 11.20
CA GLU A 437 3.97 -28.78 11.90
C GLU A 437 4.38 -27.30 11.89
N SER A 438 3.47 -26.45 11.40
CA SER A 438 3.67 -25.01 11.49
C SER A 438 3.39 -24.47 12.92
N PHE A 439 4.26 -23.59 13.39
CA PHE A 439 3.96 -22.82 14.59
C PHE A 439 3.67 -21.39 14.19
N ILE A 440 2.40 -21.01 14.21
CA ILE A 440 1.94 -19.66 13.84
C ILE A 440 1.63 -18.76 15.07
N VAL A 441 2.33 -17.65 15.17
CA VAL A 441 2.11 -16.66 16.24
C VAL A 441 1.32 -15.49 15.68
N CYS A 442 0.13 -15.22 16.21
CA CYS A 442 -0.59 -13.99 15.82
C CYS A 442 -0.55 -12.89 16.87
N ILE A 443 -0.20 -11.67 16.45
CA ILE A 443 -0.38 -10.48 17.29
C ILE A 443 -1.63 -9.73 16.77
N GLU A 444 -2.75 -9.87 17.48
CA GLU A 444 -4.06 -9.48 16.96
C GLU A 444 -4.94 -8.86 18.05
N ALA A 445 -5.46 -7.67 17.78
CA ALA A 445 -6.35 -6.95 18.70
C ALA A 445 -7.80 -7.47 18.75
N PHE A 446 -8.23 -8.15 17.69
CA PHE A 446 -9.65 -8.43 17.52
C PHE A 446 -9.95 -9.92 17.31
N PRO A 447 -10.75 -10.50 18.21
CA PRO A 447 -10.96 -11.94 18.25
C PRO A 447 -11.70 -12.50 17.02
N ASP A 448 -12.23 -11.65 16.18
CA ASP A 448 -13.03 -12.12 15.06
C ASP A 448 -12.27 -12.16 13.74
N ALA A 449 -11.00 -11.74 13.77
CA ALA A 449 -10.03 -11.91 12.68
C ALA A 449 -9.94 -13.38 12.34
N VAL A 450 -10.30 -13.72 11.10
CA VAL A 450 -10.45 -15.11 10.66
C VAL A 450 -9.13 -15.94 10.66
N THR A 451 -8.00 -15.23 10.67
CA THR A 451 -6.63 -15.74 10.74
C THR A 451 -6.38 -16.44 12.06
N LEU A 452 -6.91 -15.87 13.16
CA LEU A 452 -6.76 -16.45 14.49
C LEU A 452 -7.16 -17.92 14.57
N GLU A 453 -8.01 -18.36 13.63
CA GLU A 453 -8.36 -19.77 13.44
C GLU A 453 -7.17 -20.67 13.09
N TYR A 454 -6.08 -20.07 12.62
CA TYR A 454 -4.88 -20.80 12.21
C TYR A 454 -3.75 -20.65 13.23
N ALA A 455 -3.95 -19.70 14.15
CA ALA A 455 -2.99 -19.33 15.18
C ALA A 455 -2.80 -20.39 16.26
N ASP A 456 -1.54 -20.59 16.66
CA ASP A 456 -1.16 -21.49 17.73
C ASP A 456 -0.89 -20.68 18.98
N LEU A 457 -0.37 -19.47 18.77
CA LEU A 457 -0.15 -18.53 19.84
C LEU A 457 -0.70 -17.17 19.42
N VAL A 458 -1.46 -16.57 20.33
CA VAL A 458 -2.07 -15.27 20.12
C VAL A 458 -1.59 -14.34 21.22
N LEU A 459 -1.02 -13.21 20.83
CA LEU A 459 -0.58 -12.20 21.81
C LEU A 459 -1.50 -10.95 21.85
N PRO A 460 -1.88 -10.50 23.07
CA PRO A 460 -2.74 -9.31 23.21
C PRO A 460 -1.95 -8.01 23.03
N PRO A 461 -2.17 -7.31 21.91
CA PRO A 461 -1.40 -6.08 21.61
C PRO A 461 -2.11 -4.80 22.01
N ALA A 462 -1.35 -3.80 22.43
CA ALA A 462 -1.89 -2.46 22.60
C ALA A 462 -2.38 -1.91 21.26
N PHE A 463 -3.59 -1.34 21.23
CA PHE A 463 -4.23 -0.90 19.97
C PHE A 463 -4.18 0.62 19.71
N TRP A 464 -3.70 0.99 18.53
CA TRP A 464 -3.71 2.38 18.06
C TRP A 464 -3.04 3.37 19.07
N CYS A 465 -3.81 4.31 19.61
CA CYS A 465 -3.27 5.32 20.52
C CYS A 465 -3.25 4.84 21.97
N GLU A 466 -3.32 3.53 22.16
CA GLU A 466 -2.98 2.91 23.45
C GLU A 466 -1.46 2.88 23.71
N ARG A 467 -0.69 3.20 22.66
CA ARG A 467 0.76 3.47 22.75
C ARG A 467 1.21 4.51 21.71
N ASP A 468 2.47 4.93 21.80
CA ASP A 468 3.04 5.92 20.89
C ASP A 468 3.71 5.28 19.68
N GLY A 469 3.72 5.99 18.57
CA GLY A 469 4.46 5.56 17.40
C GLY A 469 4.27 6.47 16.22
N VAL A 470 5.12 6.29 15.21
CA VAL A 470 5.06 7.11 14.00
C VAL A 470 4.39 6.34 12.87
N TYR A 471 3.57 7.06 12.09
CA TYR A 471 3.02 6.62 10.81
C TYR A 471 3.56 7.58 9.74
N GLY A 472 4.09 7.04 8.65
CA GLY A 472 4.36 7.84 7.47
C GLY A 472 3.36 7.51 6.37
N CYS A 473 2.63 8.54 5.92
CA CYS A 473 1.55 8.38 4.93
C CYS A 473 2.09 8.55 3.51
N GLY A 474 1.20 8.68 2.54
CA GLY A 474 1.58 8.60 1.14
C GLY A 474 2.27 9.82 0.56
N GLU A 475 2.38 10.85 1.38
CA GLU A 475 2.87 12.18 1.02
C GLU A 475 4.32 12.45 1.45
N ARG A 476 4.97 11.46 2.07
CA ARG A 476 6.29 11.53 2.73
C ARG A 476 6.26 12.18 4.10
N ARG A 477 5.04 12.45 4.57
CA ARG A 477 4.85 12.99 5.90
C ARG A 477 4.86 11.89 6.96
N TYR A 478 5.75 12.03 7.92
CA TYR A 478 5.87 11.17 9.07
C TYR A 478 5.25 11.91 10.22
N SER A 479 4.11 11.43 10.71
CA SER A 479 3.43 12.03 11.86
C SER A 479 3.42 11.08 13.09
N LEU A 480 3.56 11.67 14.27
CA LEU A 480 3.55 10.96 15.55
C LEU A 480 2.12 10.90 16.13
N THR A 481 1.82 9.76 16.75
CA THR A 481 0.65 9.58 17.59
C THR A 481 1.18 9.38 19.01
N GLU A 482 0.69 10.18 19.94
CA GLU A 482 1.07 9.99 21.32
C GLU A 482 0.01 9.12 21.93
N LYS A 483 0.34 8.58 23.10
CA LYS A 483 -0.53 7.70 23.84
C LYS A 483 -1.58 8.52 24.60
N ALA A 484 -2.85 8.16 24.39
CA ALA A 484 -3.97 8.85 24.99
C ALA A 484 -4.51 8.09 26.19
N VAL A 485 -4.52 6.76 26.10
CA VAL A 485 -5.15 5.90 27.11
C VAL A 485 -4.35 4.63 27.32
N ASP A 486 -4.61 3.97 28.45
CA ASP A 486 -3.99 2.71 28.78
C ASP A 486 -4.55 1.54 27.92
N PRO A 487 -3.71 0.53 27.61
CA PRO A 487 -4.27 -0.69 27.06
C PRO A 487 -5.09 -1.48 28.10
N PRO A 488 -6.22 -2.05 27.69
CA PRO A 488 -7.06 -2.87 28.56
C PRO A 488 -6.36 -4.17 28.88
N GLY A 489 -6.85 -4.90 29.88
CA GLY A 489 -6.33 -6.20 30.26
C GLY A 489 -4.81 -6.31 30.38
N GLN A 490 -4.28 -7.35 29.76
CA GLN A 490 -2.84 -7.57 29.73
C GLN A 490 -2.23 -7.27 28.35
N CYS A 491 -2.80 -6.31 27.63
CA CYS A 491 -2.27 -5.86 26.33
C CYS A 491 -0.96 -5.10 26.47
N ARG A 492 0.04 -5.45 25.67
CA ARG A 492 1.35 -4.77 25.73
C ARG A 492 1.72 -4.11 24.41
N PRO A 493 2.58 -3.07 24.44
CA PRO A 493 2.94 -2.51 23.15
C PRO A 493 3.82 -3.50 22.41
N THR A 494 3.63 -3.62 21.09
CA THR A 494 4.37 -4.62 20.31
C THR A 494 5.87 -4.40 20.29
N VAL A 495 6.31 -3.14 20.44
CA VAL A 495 7.73 -2.79 20.51
C VAL A 495 8.41 -3.52 21.66
N ASN A 496 7.82 -3.42 22.85
CA ASN A 496 8.31 -4.12 24.05
C ASN A 496 8.18 -5.66 23.95
N THR A 497 7.05 -6.13 23.46
CA THR A 497 6.85 -7.54 23.12
C THR A 497 7.96 -8.10 22.22
N LEU A 498 8.30 -7.36 21.16
CA LEU A 498 9.37 -7.79 20.23
C LEU A 498 10.77 -7.83 20.85
N VAL A 499 11.05 -6.91 21.75
CA VAL A 499 12.34 -6.89 22.47
C VAL A 499 12.49 -8.07 23.46
N GLU A 500 11.44 -8.38 24.20
CA GLU A 500 11.49 -9.49 25.17
C GLU A 500 11.59 -10.85 24.43
N PHE A 501 10.82 -11.00 23.37
CA PHE A 501 10.94 -12.17 22.47
C PHE A 501 12.39 -12.39 21.98
N ALA A 502 12.93 -11.36 21.32
CA ALA A 502 14.31 -11.32 20.82
C ALA A 502 15.31 -11.77 21.86
N ARG A 503 15.18 -11.22 23.06
CA ARG A 503 16.09 -11.48 24.15
C ARG A 503 16.01 -12.92 24.64
N ARG A 504 14.78 -13.39 24.83
CA ARG A 504 14.55 -14.76 25.27
C ARG A 504 14.97 -15.77 24.22
N ALA A 505 15.05 -15.32 22.96
CA ALA A 505 15.50 -16.18 21.86
C ALA A 505 17.03 -16.08 21.56
N GLY A 506 17.78 -15.54 22.52
CA GLY A 506 19.23 -15.45 22.40
C GLY A 506 19.74 -14.37 21.47
N VAL A 507 18.86 -13.53 20.92
CA VAL A 507 19.30 -12.37 20.14
C VAL A 507 20.20 -11.47 20.99
N ASP A 508 21.26 -10.92 20.39
CA ASP A 508 22.18 -10.10 21.15
C ASP A 508 21.44 -8.87 21.72
N PRO A 509 21.55 -8.65 23.05
CA PRO A 509 20.93 -7.52 23.75
C PRO A 509 21.30 -6.14 23.16
N GLN A 510 22.48 -6.01 22.57
CA GLN A 510 22.79 -4.81 21.84
C GLN A 510 21.82 -4.55 20.69
N LEU A 511 21.33 -5.62 20.05
CA LEU A 511 20.49 -5.44 18.86
C LEU A 511 19.10 -4.85 19.14
N VAL A 512 18.54 -5.14 20.32
CA VAL A 512 17.20 -4.71 20.70
C VAL A 512 17.25 -3.82 21.97
N ASN A 513 18.18 -2.85 21.97
CA ASN A 513 18.45 -1.99 23.14
C ASN A 513 17.46 -0.82 23.21
N PHE A 514 16.20 -1.15 23.45
CA PHE A 514 15.09 -0.22 23.37
C PHE A 514 14.15 -0.43 24.56
N ARG A 515 13.81 0.67 25.23
CA ARG A 515 12.89 0.55 26.34
C ARG A 515 11.48 0.90 25.90
N ASN A 516 11.40 1.59 24.76
CA ASN A 516 10.19 2.16 24.20
C ASN A 516 10.40 2.54 22.71
N ALA A 517 9.36 3.08 22.07
CA ALA A 517 9.40 3.43 20.63
C ALA A 517 10.29 4.63 20.33
N GLU A 518 10.45 5.52 21.31
CA GLU A 518 11.26 6.73 21.15
C GLU A 518 12.73 6.38 20.94
N ASP A 519 13.18 5.31 21.60
CA ASP A 519 14.55 4.83 21.45
C ASP A 519 14.83 4.18 20.10
N VAL A 520 13.84 3.46 19.56
CA VAL A 520 14.02 2.87 18.25
C VAL A 520 13.97 3.94 17.18
N TRP A 521 13.20 4.99 17.43
CA TRP A 521 13.06 6.12 16.55
C TRP A 521 14.38 6.83 16.39
N ASN A 522 15.04 7.12 17.52
CA ASN A 522 16.38 7.71 17.50
C ASN A 522 17.41 6.81 16.81
N GLU A 523 17.24 5.50 16.92
CA GLU A 523 18.18 4.64 16.19
C GLU A 523 17.91 4.67 14.67
N TRP A 524 16.63 4.59 14.29
CA TRP A 524 16.18 4.72 12.91
C TRP A 524 16.58 6.06 12.29
N ARG A 525 16.43 7.17 13.02
CA ARG A 525 16.93 8.46 12.59
C ARG A 525 18.40 8.45 12.13
N MET A 526 19.25 7.70 12.86
CA MET A 526 20.65 7.50 12.55
C MET A 526 20.89 6.66 11.28
N VAL A 527 20.11 5.59 11.11
CA VAL A 527 20.20 4.66 9.95
C VAL A 527 19.82 5.36 8.63
N SER A 528 18.99 6.39 8.74
CA SER A 528 18.59 7.26 7.63
C SER A 528 19.55 8.42 7.35
N LYS A 529 20.45 8.73 8.26
CA LYS A 529 21.29 9.93 8.14
C LYS A 529 22.29 9.82 6.97
N GLY A 530 22.32 10.83 6.12
CA GLY A 530 23.18 10.82 4.94
C GLY A 530 22.60 10.07 3.74
N THR A 531 21.39 9.54 3.86
CA THR A 531 20.73 8.91 2.73
C THR A 531 19.70 9.87 2.22
N THR A 532 19.03 9.50 1.13
CA THR A 532 18.08 10.38 0.49
C THR A 532 16.70 10.30 1.14
N TYR A 533 16.56 9.42 2.14
CA TYR A 533 15.44 9.47 3.06
C TYR A 533 15.74 10.24 4.35
N ASP A 534 16.99 10.71 4.52
CA ASP A 534 17.44 11.43 5.73
C ASP A 534 16.35 12.22 6.45
N PHE A 535 15.89 11.70 7.58
CA PHE A 535 14.92 12.43 8.41
C PHE A 535 15.48 12.62 9.83
N TRP A 536 16.80 12.78 9.96
CA TRP A 536 17.45 12.97 11.25
C TRP A 536 16.95 14.17 12.06
N GLY A 537 16.48 15.22 11.38
CA GLY A 537 15.95 16.39 12.07
C GLY A 537 14.58 16.17 12.67
N MET A 538 14.00 15.00 12.43
CA MET A 538 12.66 14.70 12.91
C MET A 538 12.73 14.07 14.30
N THR A 539 13.02 14.90 15.30
CA THR A 539 13.23 14.40 16.65
C THR A 539 11.90 14.17 17.29
N ARG A 540 11.86 13.36 18.34
CA ARG A 540 10.59 13.14 19.05
C ARG A 540 9.94 14.46 19.46
N GLU A 541 10.78 15.37 19.94
CA GLU A 541 10.40 16.65 20.47
C GLU A 541 9.61 17.47 19.47
N ARG A 542 10.04 17.49 18.21
CA ARG A 542 9.31 18.26 17.22
C ARG A 542 8.20 17.50 16.49
N LEU A 543 8.25 16.18 16.50
CA LEU A 543 7.08 15.39 16.08
C LEU A 543 5.94 15.57 17.08
N ARG A 544 6.32 15.73 18.34
CA ARG A 544 5.39 15.95 19.40
C ARG A 544 4.66 17.30 19.24
N LYS A 545 5.35 18.31 18.70
CA LYS A 545 4.80 19.66 18.55
C LYS A 545 4.18 19.96 17.15
N GLU A 546 4.86 19.52 16.10
CA GLU A 546 4.38 19.69 14.74
C GLU A 546 3.33 18.66 14.47
N SER A 547 2.53 18.89 13.43
CA SER A 547 1.58 17.91 12.94
C SER A 547 2.17 17.19 11.72
N GLY A 548 3.27 16.49 11.95
CA GLY A 548 3.97 15.73 10.90
C GLY A 548 5.05 16.57 10.23
N LEU A 549 6.15 15.93 9.86
CA LEU A 549 7.18 16.56 9.01
C LEU A 549 7.35 15.69 7.76
N ILE A 550 7.73 16.33 6.65
CA ILE A 550 7.88 15.65 5.36
C ILE A 550 9.34 15.55 5.00
N TRP A 551 9.81 14.34 4.64
CA TRP A 551 11.24 14.07 4.36
C TRP A 551 11.60 14.32 2.87
N PRO A 552 12.91 14.47 2.56
CA PRO A 552 14.05 14.66 3.48
C PRO A 552 13.85 15.81 4.49
N CYS A 553 14.36 15.63 5.70
CA CYS A 553 14.35 16.65 6.76
C CYS A 553 15.61 16.48 7.64
N PRO A 554 16.80 16.84 7.09
CA PRO A 554 18.13 16.46 7.56
C PRO A 554 18.74 17.12 8.83
N SER A 555 18.13 18.18 9.35
CA SER A 555 18.63 18.87 10.55
C SER A 555 17.45 19.48 11.28
N GLU A 556 17.63 19.83 12.55
CA GLU A 556 16.52 20.30 13.37
C GLU A 556 15.96 21.65 12.91
N ASP A 557 16.78 22.39 12.15
CA ASP A 557 16.34 23.65 11.53
C ASP A 557 15.90 23.47 10.06
N HIS A 558 15.78 22.23 9.58
CA HIS A 558 15.19 22.00 8.27
C HIS A 558 13.65 21.88 8.34
N PRO A 559 12.93 22.60 7.44
CA PRO A 559 11.47 22.63 7.39
C PRO A 559 10.81 21.33 6.92
N GLY A 560 11.56 20.50 6.17
CA GLY A 560 11.00 19.38 5.43
C GLY A 560 11.09 19.65 3.92
N THR A 561 10.87 18.60 3.12
CA THR A 561 10.98 18.70 1.67
C THR A 561 9.65 18.41 0.96
N SER A 562 9.27 19.33 0.06
CA SER A 562 8.07 19.23 -0.76
C SER A 562 8.43 18.76 -2.14
N LEU A 563 9.22 19.55 -2.85
CA LEU A 563 9.64 19.17 -4.21
C LEU A 563 10.97 18.42 -4.25
N ARG A 564 10.87 17.10 -4.26
CA ARG A 564 12.02 16.22 -4.38
C ARG A 564 12.56 16.36 -5.78
N TYR A 565 13.89 16.32 -5.86
CA TYR A 565 14.69 16.39 -7.08
C TYR A 565 14.77 17.78 -7.67
N VAL A 566 14.24 18.79 -6.96
CA VAL A 566 14.30 20.20 -7.42
C VAL A 566 15.42 20.96 -6.70
N ARG A 567 16.38 21.51 -7.47
CA ARG A 567 17.45 22.30 -6.88
C ARG A 567 16.90 23.44 -6.02
N GLY A 568 17.53 23.65 -4.86
CA GLY A 568 17.10 24.68 -3.94
C GLY A 568 15.83 24.36 -3.18
N GLN A 569 15.21 23.21 -3.45
CA GLN A 569 14.00 22.75 -2.74
C GLN A 569 14.29 21.52 -1.93
N ASP A 570 14.91 20.55 -2.59
CA ASP A 570 15.31 19.25 -2.01
C ASP A 570 16.78 19.33 -1.54
N PRO A 571 17.08 19.00 -0.25
CA PRO A 571 18.46 19.08 0.26
C PRO A 571 19.44 18.02 -0.28
N CYS A 572 18.90 16.99 -0.91
CA CYS A 572 19.70 15.97 -1.62
C CYS A 572 20.16 16.43 -3.01
N VAL A 573 19.71 17.61 -3.43
CA VAL A 573 20.22 18.27 -4.61
C VAL A 573 21.22 19.36 -4.15
N PRO A 574 22.50 19.22 -4.53
CA PRO A 574 23.54 20.16 -4.15
C PRO A 574 23.23 21.57 -4.68
N ALA A 575 23.30 22.57 -3.81
CA ALA A 575 22.98 23.96 -4.19
C ALA A 575 23.71 24.42 -5.47
N ASP A 576 24.94 23.93 -5.67
CA ASP A 576 25.74 24.31 -6.85
C ASP A 576 25.57 23.39 -8.10
N HIS A 577 24.62 22.44 -8.03
CA HIS A 577 24.33 21.53 -9.14
C HIS A 577 24.05 22.39 -10.37
N PRO A 578 24.65 22.03 -11.54
CA PRO A 578 24.48 22.84 -12.78
C PRO A 578 23.05 23.04 -13.29
N ASP A 579 22.17 22.11 -12.93
CA ASP A 579 20.85 21.96 -13.51
C ASP A 579 19.76 22.14 -12.45
N ARG A 580 18.63 22.74 -12.82
CA ARG A 580 17.54 22.95 -11.84
C ARG A 580 16.86 21.68 -11.27
N PHE A 581 16.77 20.61 -12.06
CA PHE A 581 16.40 19.28 -11.56
C PHE A 581 17.59 18.32 -11.50
N PHE A 582 17.44 17.27 -10.72
CA PHE A 582 18.48 16.27 -10.54
C PHE A 582 17.77 15.02 -10.07
N PHE A 583 17.54 14.08 -10.97
CA PHE A 583 16.97 12.77 -10.61
C PHE A 583 18.13 11.87 -10.18
N TYR A 584 18.54 12.11 -8.94
CA TYR A 584 19.77 11.58 -8.37
C TYR A 584 19.76 10.08 -8.06
N GLY A 585 18.62 9.39 -8.22
CA GLY A 585 18.56 7.93 -8.10
C GLY A 585 19.10 7.18 -9.31
N LYS A 586 19.33 7.92 -10.40
CA LYS A 586 19.92 7.44 -11.64
C LYS A 586 21.32 8.04 -11.82
N PRO A 587 22.27 7.24 -12.37
CA PRO A 587 23.69 7.61 -12.42
C PRO A 587 24.02 8.91 -13.16
N ASP A 588 23.16 9.31 -14.11
CA ASP A 588 23.36 10.51 -14.92
C ASP A 588 22.31 11.60 -14.63
N GLY A 589 21.55 11.41 -13.55
CA GLY A 589 20.57 12.41 -13.09
C GLY A 589 19.36 12.64 -13.98
N ARG A 590 19.18 11.74 -14.97
CA ARG A 590 18.00 11.73 -15.84
C ARG A 590 16.98 10.65 -15.45
N ALA A 591 15.69 11.00 -15.50
CA ALA A 591 14.61 10.03 -15.33
C ALA A 591 14.41 9.28 -16.64
N VAL A 592 13.61 8.20 -16.60
CA VAL A 592 13.57 7.24 -17.71
C VAL A 592 12.14 7.00 -18.24
N ILE A 593 12.02 7.10 -19.56
CA ILE A 593 10.83 6.62 -20.23
C ILE A 593 11.05 5.17 -20.65
N TRP A 594 10.12 4.27 -20.31
CA TRP A 594 10.26 2.87 -20.68
C TRP A 594 9.16 2.51 -21.67
N MET A 595 9.54 1.88 -22.79
CA MET A 595 8.61 1.54 -23.83
C MET A 595 8.10 0.14 -23.58
N ARG A 596 7.16 0.01 -22.64
CA ARG A 596 6.67 -1.29 -22.18
C ARG A 596 5.62 -1.91 -23.11
N PRO A 597 5.79 -3.19 -23.46
CA PRO A 597 4.75 -3.84 -24.25
C PRO A 597 3.47 -3.98 -23.45
N ALA A 598 2.38 -3.52 -24.05
CA ALA A 598 1.09 -3.57 -23.43
C ALA A 598 0.56 -4.97 -23.66
N LYS A 599 0.12 -5.61 -22.58
CA LYS A 599 -0.46 -6.94 -22.67
C LYS A 599 -1.78 -6.98 -21.92
N GLY A 600 -1.95 -7.93 -21.00
CA GLY A 600 -3.25 -8.13 -20.33
C GLY A 600 -3.13 -8.85 -19.01
N ALA A 601 -4.24 -9.45 -18.55
CA ALA A 601 -4.22 -10.17 -17.29
C ALA A 601 -3.54 -11.55 -17.43
N ALA A 602 -3.08 -12.11 -16.32
CA ALA A 602 -2.59 -13.48 -16.29
C ALA A 602 -3.73 -14.45 -16.62
N GLU A 603 -4.91 -14.23 -16.04
CA GLU A 603 -6.09 -14.97 -16.43
C GLU A 603 -7.11 -14.06 -17.16
N GLU A 604 -7.06 -14.11 -18.48
CA GLU A 604 -8.03 -13.44 -19.35
C GLU A 604 -9.31 -14.30 -19.50
N PRO A 605 -10.48 -13.64 -19.61
CA PRO A 605 -11.73 -14.29 -19.98
C PRO A 605 -11.65 -15.13 -21.25
N ASP A 606 -12.62 -16.01 -21.44
CA ASP A 606 -12.71 -16.90 -22.63
C ASP A 606 -14.13 -17.45 -22.78
N ALA A 607 -14.36 -18.43 -23.64
CA ALA A 607 -15.69 -19.03 -23.79
C ALA A 607 -16.29 -19.57 -22.48
N GLU A 608 -15.47 -20.37 -21.77
CA GLU A 608 -15.83 -21.03 -20.50
C GLU A 608 -16.16 -20.04 -19.39
N TYR A 609 -15.26 -19.07 -19.22
CA TYR A 609 -15.35 -17.99 -18.21
C TYR A 609 -15.26 -16.64 -18.94
N PRO A 610 -16.41 -16.11 -19.41
CA PRO A 610 -16.39 -14.94 -20.31
C PRO A 610 -16.32 -13.56 -19.64
N LEU A 611 -16.34 -13.52 -18.31
CA LEU A 611 -16.38 -12.24 -17.57
C LEU A 611 -15.04 -11.87 -16.94
N TYR A 612 -14.72 -10.58 -16.95
CA TYR A 612 -13.72 -10.04 -16.07
C TYR A 612 -14.33 -10.01 -14.67
N LEU A 613 -13.57 -10.45 -13.66
CA LEU A 613 -13.98 -10.22 -12.26
C LEU A 613 -12.99 -9.33 -11.52
N THR A 614 -13.52 -8.36 -10.79
CA THR A 614 -12.68 -7.48 -9.96
C THR A 614 -13.11 -7.42 -8.49
N SER A 615 -12.19 -7.00 -7.60
CA SER A 615 -12.51 -6.73 -6.20
C SER A 615 -12.18 -5.26 -5.88
N MET A 616 -12.79 -4.72 -4.84
CA MET A 616 -12.80 -3.28 -4.67
C MET A 616 -13.17 -2.87 -3.22
N ARG A 617 -12.97 -1.59 -2.94
CA ARG A 617 -13.26 -0.99 -1.66
C ARG A 617 -14.70 -0.52 -1.71
N VAL A 618 -15.37 -0.55 -0.55
CA VAL A 618 -16.60 0.19 -0.33
C VAL A 618 -16.29 1.23 0.76
N ILE A 619 -16.95 2.39 0.76
CA ILE A 619 -16.64 3.50 1.72
C ILE A 619 -16.71 3.16 3.25
N ASP A 620 -17.64 2.29 3.64
CA ASP A 620 -18.02 2.12 5.03
C ASP A 620 -17.14 1.16 5.79
N HIS A 621 -16.43 0.32 5.04
CA HIS A 621 -15.62 -0.77 5.60
C HIS A 621 -14.13 -0.69 5.33
N TRP A 622 -13.36 -1.08 6.36
CA TRP A 622 -11.93 -1.19 6.28
C TRP A 622 -11.58 -2.67 6.25
N HIS A 623 -11.06 -3.08 5.09
CA HIS A 623 -10.63 -4.42 4.85
C HIS A 623 -11.54 -5.43 5.48
N THR A 624 -11.00 -6.21 6.41
CA THR A 624 -11.68 -7.38 6.98
C THR A 624 -12.82 -7.09 8.00
N ALA A 625 -13.04 -5.80 8.28
CA ALA A 625 -14.17 -5.30 9.08
C ALA A 625 -14.11 -5.64 10.56
N THR A 626 -12.93 -6.05 11.05
CA THR A 626 -12.75 -6.30 12.48
C THR A 626 -12.86 -4.98 13.30
N MET A 627 -12.65 -3.85 12.63
CA MET A 627 -12.75 -2.54 13.29
C MET A 627 -14.03 -1.75 12.90
N THR A 628 -14.24 -1.55 11.59
CA THR A 628 -15.42 -0.86 11.09
C THR A 628 -16.71 -1.65 11.39
N GLY A 629 -16.57 -2.98 11.50
CA GLY A 629 -17.65 -3.86 11.89
C GLY A 629 -18.10 -3.71 13.32
N LYS A 630 -17.38 -2.93 14.13
CA LYS A 630 -17.79 -2.65 15.51
C LYS A 630 -18.51 -1.31 15.67
N VAL A 631 -18.67 -0.59 14.57
CA VAL A 631 -19.41 0.66 14.55
C VAL A 631 -20.73 0.38 13.86
N PRO A 632 -21.87 0.42 14.59
CA PRO A 632 -23.14 0.07 13.95
C PRO A 632 -23.49 0.96 12.74
N GLU A 633 -23.13 2.25 12.79
CA GLU A 633 -23.31 3.20 11.70
C GLU A 633 -22.71 2.75 10.38
N LEU A 634 -21.63 1.97 10.45
CA LEU A 634 -20.92 1.58 9.23
C LEU A 634 -21.44 0.24 8.62
N GLN A 635 -22.39 -0.40 9.30
CA GLN A 635 -23.07 -1.63 8.84
C GLN A 635 -24.35 -1.39 8.04
N LYS A 636 -25.13 -0.40 8.47
CA LYS A 636 -26.47 -0.10 7.93
C LYS A 636 -26.58 -0.06 6.39
N ALA A 637 -25.50 0.35 5.74
CA ALA A 637 -25.52 0.53 4.27
C ALA A 637 -24.97 -0.68 3.59
N ASN A 638 -23.90 -1.24 4.19
CA ASN A 638 -23.23 -2.44 3.64
C ASN A 638 -22.95 -3.59 4.63
N PRO A 639 -24.02 -4.24 5.13
CA PRO A 639 -23.78 -5.30 6.09
C PRO A 639 -23.10 -6.50 5.45
N ILE A 640 -23.48 -6.79 4.20
CA ILE A 640 -23.06 -8.01 3.50
C ILE A 640 -22.44 -7.83 2.07
N ALA A 641 -21.64 -8.83 1.66
CA ALA A 641 -21.08 -8.91 0.32
C ALA A 641 -22.17 -9.04 -0.77
N PHE A 642 -21.83 -8.53 -1.95
CA PHE A 642 -22.70 -8.48 -3.11
C PHE A 642 -21.80 -8.60 -4.35
N VAL A 643 -22.43 -8.83 -5.50
CA VAL A 643 -21.72 -8.83 -6.77
C VAL A 643 -22.39 -7.77 -7.63
N GLU A 644 -21.56 -6.92 -8.24
CA GLU A 644 -22.06 -5.94 -9.18
C GLU A 644 -22.10 -6.54 -10.59
N ILE A 645 -23.20 -6.29 -11.28
CA ILE A 645 -23.42 -6.80 -12.63
C ILE A 645 -23.84 -5.63 -13.54
N ASN A 646 -23.31 -5.61 -14.76
CA ASN A 646 -23.77 -4.62 -15.75
C ASN A 646 -25.24 -4.81 -16.18
N GLU A 647 -25.96 -3.69 -16.33
CA GLU A 647 -27.34 -3.69 -16.82
C GLU A 647 -27.53 -4.46 -18.13
N GLU A 648 -26.68 -4.20 -19.12
CA GLU A 648 -26.78 -4.86 -20.42
C GLU A 648 -26.52 -6.37 -20.27
N ASP A 649 -25.45 -6.71 -19.56
CA ASP A 649 -25.09 -8.09 -19.29
C ASP A 649 -26.24 -8.83 -18.61
N ALA A 650 -26.75 -8.27 -17.50
CA ALA A 650 -27.89 -8.86 -16.76
C ALA A 650 -29.17 -8.93 -17.58
N ALA A 651 -29.42 -7.91 -18.42
CA ALA A 651 -30.63 -7.84 -19.24
C ALA A 651 -30.77 -8.99 -20.23
N ARG A 652 -29.64 -9.55 -20.67
CA ARG A 652 -29.66 -10.66 -21.61
C ARG A 652 -29.22 -12.01 -21.03
N THR A 653 -28.69 -12.00 -19.79
CA THR A 653 -28.54 -13.24 -19.00
C THR A 653 -29.83 -13.56 -18.22
N GLY A 654 -30.77 -12.63 -18.20
CA GLY A 654 -32.02 -12.80 -17.47
C GLY A 654 -31.88 -12.69 -15.97
N ILE A 655 -30.94 -11.82 -15.55
CA ILE A 655 -30.66 -11.58 -14.15
C ILE A 655 -31.31 -10.26 -13.75
N LYS A 656 -32.14 -10.30 -12.71
CA LYS A 656 -32.75 -9.08 -12.20
C LYS A 656 -32.00 -8.57 -10.97
N HIS A 657 -32.25 -7.31 -10.63
CA HIS A 657 -31.60 -6.67 -9.48
C HIS A 657 -31.99 -7.38 -8.20
N GLY A 658 -30.97 -7.68 -7.39
CA GLY A 658 -31.14 -8.47 -6.16
C GLY A 658 -31.48 -9.95 -6.34
N ASP A 659 -31.32 -10.49 -7.54
CA ASP A 659 -31.34 -11.94 -7.77
C ASP A 659 -30.13 -12.54 -7.05
N SER A 660 -30.32 -13.72 -6.45
CA SER A 660 -29.21 -14.42 -5.85
C SER A 660 -28.51 -15.15 -6.99
N VAL A 661 -27.22 -14.83 -7.22
CA VAL A 661 -26.47 -15.47 -8.32
C VAL A 661 -25.24 -16.21 -7.82
N ILE A 662 -24.72 -17.11 -8.66
CA ILE A 662 -23.48 -17.83 -8.36
C ILE A 662 -22.33 -17.29 -9.22
N VAL A 663 -21.33 -16.76 -8.54
CA VAL A 663 -20.09 -16.34 -9.17
C VAL A 663 -19.09 -17.49 -9.09
N GLU A 664 -18.49 -17.81 -10.23
CA GLU A 664 -17.63 -18.95 -10.35
C GLU A 664 -16.41 -18.65 -11.20
N THR A 665 -15.26 -19.08 -10.70
CA THR A 665 -13.97 -19.01 -11.40
C THR A 665 -13.39 -20.44 -11.45
N ARG A 666 -12.13 -20.59 -11.84
CA ARG A 666 -11.52 -21.91 -11.89
C ARG A 666 -11.21 -22.46 -10.49
N ARG A 667 -11.22 -21.56 -9.51
CA ARG A 667 -10.80 -21.91 -8.15
C ARG A 667 -11.95 -22.17 -7.16
N ASP A 668 -13.06 -21.43 -7.30
CA ASP A 668 -14.22 -21.67 -6.46
C ASP A 668 -15.52 -21.18 -7.07
N ALA A 669 -16.61 -21.39 -6.33
CA ALA A 669 -17.94 -20.92 -6.66
C ALA A 669 -18.56 -20.30 -5.39
N MET A 670 -19.22 -19.17 -5.55
CA MET A 670 -19.76 -18.46 -4.40
C MET A 670 -21.14 -17.87 -4.71
N GLU A 671 -22.06 -17.95 -3.77
CA GLU A 671 -23.40 -17.36 -3.95
C GLU A 671 -23.46 -15.95 -3.35
N LEU A 672 -23.94 -14.99 -4.13
CA LEU A 672 -23.98 -13.58 -3.73
C LEU A 672 -25.20 -12.87 -4.32
N PRO A 673 -25.78 -11.91 -3.58
CA PRO A 673 -26.88 -11.10 -4.12
C PRO A 673 -26.41 -10.11 -5.19
N ALA A 674 -27.05 -10.17 -6.37
CA ALA A 674 -26.63 -9.38 -7.52
C ALA A 674 -27.15 -7.96 -7.41
N ARG A 675 -26.35 -7.05 -7.93
CA ARG A 675 -26.60 -5.62 -7.83
C ARG A 675 -26.39 -5.07 -9.24
N VAL A 676 -27.49 -4.83 -9.98
CA VAL A 676 -27.39 -4.52 -11.43
C VAL A 676 -27.51 -3.02 -11.71
N SER A 677 -26.54 -2.49 -12.47
CA SER A 677 -26.33 -1.05 -12.61
C SER A 677 -25.34 -0.78 -13.73
N ASP A 678 -25.07 0.50 -13.99
CA ASP A 678 -24.07 0.90 -14.98
C ASP A 678 -22.68 1.04 -14.37
N VAL A 679 -22.55 0.66 -13.10
CA VAL A 679 -21.27 0.78 -12.41
C VAL A 679 -20.21 -0.06 -13.08
N CYS A 680 -20.50 -1.31 -13.35
CA CYS A 680 -19.56 -2.12 -14.07
C CYS A 680 -19.81 -1.96 -15.56
N ARG A 681 -18.73 -1.73 -16.32
CA ARG A 681 -18.80 -1.69 -17.78
C ARG A 681 -19.22 -3.08 -18.27
N PRO A 682 -19.87 -3.15 -19.46
CA PRO A 682 -20.26 -4.46 -19.95
C PRO A 682 -19.11 -5.48 -20.03
N GLY A 683 -19.23 -6.56 -19.27
CA GLY A 683 -18.23 -7.62 -19.39
C GLY A 683 -17.42 -7.81 -18.13
N LEU A 684 -17.77 -7.05 -17.09
CA LEU A 684 -17.07 -7.02 -15.83
C LEU A 684 -18.07 -7.21 -14.70
N ILE A 685 -17.60 -7.92 -13.68
CA ILE A 685 -18.34 -8.06 -12.45
C ILE A 685 -17.39 -7.65 -11.35
N ALA A 686 -17.91 -7.28 -10.18
CA ALA A 686 -17.08 -6.79 -9.07
C ALA A 686 -17.58 -7.29 -7.73
N VAL A 687 -16.67 -7.75 -6.88
CA VAL A 687 -17.01 -8.11 -5.51
C VAL A 687 -16.22 -7.27 -4.49
N PRO A 688 -16.82 -6.98 -3.30
CA PRO A 688 -16.04 -6.38 -2.23
C PRO A 688 -15.48 -7.50 -1.35
N PHE A 689 -14.49 -7.21 -0.49
CA PHE A 689 -13.78 -8.28 0.25
C PHE A 689 -13.79 -8.15 1.78
N PHE A 690 -14.71 -7.32 2.31
CA PHE A 690 -14.91 -7.11 3.76
C PHE A 690 -15.68 -8.20 4.54
N ASP A 691 -16.60 -8.91 3.87
CA ASP A 691 -17.49 -9.89 4.48
C ASP A 691 -16.77 -11.21 4.73
N PRO A 692 -16.64 -11.63 6.02
CA PRO A 692 -15.88 -12.84 6.36
C PRO A 692 -16.61 -14.14 6.08
N LYS A 693 -17.90 -14.05 5.81
CA LYS A 693 -18.72 -15.21 5.53
C LYS A 693 -18.77 -15.44 4.02
N LYS A 694 -18.22 -14.49 3.27
CA LYS A 694 -18.14 -14.58 1.83
C LYS A 694 -16.71 -14.26 1.46
N LEU A 695 -15.84 -15.27 1.57
CA LEU A 695 -14.40 -15.06 1.35
C LEU A 695 -14.02 -15.07 -0.13
N VAL A 696 -14.25 -13.93 -0.79
CA VAL A 696 -14.02 -13.79 -2.24
C VAL A 696 -12.63 -14.17 -2.76
N ASN A 697 -11.57 -13.97 -1.96
CA ASN A 697 -10.21 -14.36 -2.39
C ASN A 697 -10.05 -15.88 -2.60
N LYS A 698 -11.12 -16.64 -2.37
CA LYS A 698 -11.16 -18.02 -2.80
C LYS A 698 -11.21 -18.10 -4.31
N LEU A 699 -11.85 -17.10 -4.93
CA LEU A 699 -12.14 -17.03 -6.37
C LEU A 699 -10.98 -16.47 -7.19
N PHE A 700 -10.20 -15.60 -6.58
CA PHE A 700 -9.11 -14.96 -7.30
C PHE A 700 -7.87 -15.86 -7.46
N LEU A 701 -7.24 -15.72 -8.61
CA LEU A 701 -5.92 -16.28 -8.84
C LEU A 701 -4.91 -15.41 -8.07
N ASP A 702 -3.74 -15.99 -7.82
CA ASP A 702 -2.63 -15.32 -7.13
C ASP A 702 -1.41 -15.20 -8.06
N ALA A 703 -1.63 -14.87 -9.32
CA ALA A 703 -0.53 -14.61 -10.23
C ALA A 703 0.10 -13.29 -9.80
N THR A 704 1.41 -13.15 -9.92
CA THR A 704 2.14 -11.98 -9.45
C THR A 704 2.87 -11.24 -10.59
N ASP A 705 2.97 -9.91 -10.48
CA ASP A 705 3.90 -9.12 -11.30
C ASP A 705 5.32 -9.65 -11.06
N PRO A 706 6.09 -9.95 -12.14
CA PRO A 706 7.42 -10.61 -11.97
C PRO A 706 8.54 -9.72 -11.41
N VAL A 707 8.31 -8.41 -11.42
CA VAL A 707 9.23 -7.44 -10.84
C VAL A 707 8.87 -7.13 -9.36
N SER A 708 7.64 -6.69 -9.11
CA SER A 708 7.19 -6.28 -7.78
C SER A 708 6.68 -7.41 -6.91
N ARG A 709 6.18 -8.47 -7.55
CA ARG A 709 5.59 -9.64 -6.88
C ARG A 709 4.27 -9.33 -6.19
N GLU A 710 3.57 -8.34 -6.75
CA GLU A 710 2.26 -7.96 -6.34
C GLU A 710 1.23 -8.84 -7.04
N PRO A 711 0.23 -9.38 -6.28
CA PRO A 711 -0.76 -10.23 -6.97
C PRO A 711 -1.77 -9.40 -7.77
N GLU A 712 -2.34 -10.04 -8.79
CA GLU A 712 -3.36 -9.43 -9.62
C GLU A 712 -4.75 -9.75 -9.08
N TYR A 713 -5.06 -9.15 -7.95
CA TYR A 713 -6.41 -9.19 -7.38
C TYR A 713 -7.48 -8.52 -8.25
N LYS A 714 -7.03 -7.78 -9.25
CA LYS A 714 -7.93 -6.87 -9.95
C LYS A 714 -8.56 -7.48 -11.17
N ILE A 715 -7.93 -8.52 -11.68
CA ILE A 715 -8.47 -9.21 -12.84
C ILE A 715 -8.28 -10.71 -12.73
N CYS A 716 -9.40 -11.42 -12.86
CA CYS A 716 -9.40 -12.83 -13.22
C CYS A 716 -10.65 -13.07 -14.07
N ALA A 717 -10.72 -14.23 -14.74
CA ALA A 717 -11.89 -14.61 -15.54
C ALA A 717 -12.93 -15.32 -14.67
N ALA A 718 -14.19 -14.97 -14.90
CA ALA A 718 -15.32 -15.54 -14.15
C ALA A 718 -16.57 -15.71 -15.02
N ARG A 719 -17.55 -16.45 -14.50
CA ARG A 719 -18.90 -16.59 -15.09
C ARG A 719 -20.00 -16.49 -14.01
N VAL A 720 -21.20 -16.08 -14.43
CA VAL A 720 -22.35 -15.88 -13.53
C VAL A 720 -23.56 -16.68 -13.98
N ARG A 721 -24.18 -17.39 -13.05
CA ARG A 721 -25.46 -18.04 -13.29
C ARG A 721 -26.41 -17.73 -12.13
N LYS A 722 -27.70 -17.65 -12.42
CA LYS A 722 -28.72 -17.54 -11.38
C LYS A 722 -28.72 -18.81 -10.52
N ALA A 723 -28.70 -18.62 -9.21
CA ALA A 723 -28.68 -19.71 -8.23
C ALA A 723 -30.00 -20.51 -8.19
FE1 SF4 B . -10.96 9.14 6.56
FE2 SF4 B . -8.62 10.68 6.75
FE3 SF4 B . -8.56 8.19 5.63
FE4 SF4 B . -8.95 8.46 8.30
S1 SF4 B . -7.04 9.05 7.17
S2 SF4 B . -10.12 7.04 6.90
S3 SF4 B . -10.23 10.39 8.37
S4 SF4 B . -9.66 10.02 4.82
MO MO C . -3.47 -1.56 0.45
PB MGD D . -6.89 -5.57 7.71
O1B MGD D . -8.34 -5.70 8.05
O2B MGD D . -6.26 -4.19 7.55
O3B MGD D . -6.61 -6.45 6.38
O3A MGD D . -5.42 -6.73 4.26
PA MGD D . -5.18 -6.99 5.82
O1A MGD D . -5.13 -8.49 5.92
O2A MGD D . -4.05 -6.10 6.34
O5' MGD D . -5.96 -6.33 8.75
C5' MGD D . -5.48 -5.67 9.92
C4' MGD D . -5.64 -6.62 11.08
O4' MGD D . -5.00 -6.01 12.20
C3' MGD D . -7.08 -6.82 11.51
O3' MGD D . -7.37 -8.21 11.68
C2' MGD D . -7.12 -6.02 12.81
O2' MGD D . -8.13 -6.40 13.71
C1' MGD D . -5.73 -6.19 13.37
N9 MGD D . -5.28 -5.10 14.27
C8 MGD D . -5.85 -3.90 14.44
N7 MGD D . -5.17 -3.13 15.32
C5 MGD D . -4.11 -3.84 15.73
C6 MGD D . -2.97 -3.61 16.67
O6 MGD D . -2.78 -2.56 17.33
N1 MGD D . -2.10 -4.59 16.83
C2 MGD D . -2.24 -5.76 16.16
N2 MGD D . -1.26 -6.65 16.41
N3 MGD D . -3.23 -6.08 15.28
C4 MGD D . -4.19 -5.15 15.03
C10 MGD D . -4.98 -5.52 3.61
C11 MGD D . -4.52 -5.92 2.22
O11 MGD D . -5.55 -6.73 1.64
C12 MGD D . -4.22 -4.74 1.34
S12 MGD D . -3.50 -3.36 2.03
C13 MGD D . -4.49 -4.78 0.02
S13 MGD D . -4.16 -3.47 -1.00
C14 MGD D . -5.11 -5.96 -0.66
N15 MGD D . -6.38 -5.54 -1.19
C16 MGD D . -7.16 -6.48 -1.74
C17 MGD D . -8.04 -6.21 -2.89
O17 MGD D . -8.11 -5.05 -3.37
N18 MGD D . -8.77 -7.27 -3.35
C19 MGD D . -8.71 -8.52 -2.80
N19 MGD D . -9.45 -9.55 -3.29
N20 MGD D . -7.92 -8.80 -1.73
C21 MGD D . -7.13 -7.84 -1.19
N22 MGD D . -6.32 -8.09 -0.14
C23 MGD D . -5.26 -7.16 0.29
PB MGD E . -10.22 -0.20 -5.07
O1B MGD E . -11.70 -0.27 -5.17
O2B MGD E . -9.40 -1.43 -4.77
O3B MGD E . -9.72 1.01 -4.11
O3A MGD E . -8.02 2.16 -2.93
PA MGD E . -8.46 2.02 -4.46
O1A MGD E . -8.88 3.36 -4.97
O2A MGD E . -7.38 1.34 -5.31
O5' MGD E . -9.72 0.48 -6.41
C5' MGD E . -9.50 -0.29 -7.53
C4' MGD E . -10.19 0.39 -8.67
O4' MGD E . -9.48 -0.14 -9.79
C3' MGD E . -11.63 -0.06 -8.77
O3' MGD E . -12.47 1.12 -8.82
C2' MGD E . -11.70 -0.93 -10.03
O2' MGD E . -12.76 -0.58 -10.92
C1' MGD E . -10.45 -0.50 -10.76
N9 MGD E . -9.93 -1.46 -11.77
C8 MGD E . -10.27 -2.75 -11.99
N7 MGD E . -9.58 -3.24 -13.05
C5 MGD E . -8.81 -2.26 -13.52
C6 MGD E . -7.87 -2.08 -14.63
O6 MGD E . -7.65 -3.05 -15.38
N1 MGD E . -7.30 -0.87 -14.79
C2 MGD E . -7.57 0.19 -13.97
N2 MGD E . -6.96 1.39 -14.13
N3 MGD E . -8.43 0.10 -12.93
C4 MGD E . -9.07 -1.08 -12.68
C10 MGD E . -7.16 1.19 -2.33
C11 MGD E . -6.69 1.70 -0.98
O11 MGD E . -7.82 2.07 -0.20
C12 MGD E . -5.90 0.63 -0.23
S12 MGD E . -4.84 -0.38 -1.08
C13 MGD E . -6.00 0.51 1.11
S13 MGD E . -4.92 -0.50 1.91
C14 MGD E . -7.03 1.25 1.92
N15 MGD E . -8.16 0.40 2.26
C16 MGD E . -9.41 0.95 2.39
C17 MGD E . -10.59 0.20 2.83
O17 MGD E . -10.47 -1.00 3.11
N18 MGD E . -11.78 0.80 2.94
C19 MGD E . -11.96 2.10 2.64
N19 MGD E . -13.20 2.64 2.75
N20 MGD E . -10.91 2.87 2.23
C21 MGD E . -9.66 2.36 2.10
N22 MGD E . -8.62 3.13 1.70
C23 MGD E . -7.44 2.49 1.12
UNK UNX F . -1.26 -0.64 1.30
N NO2 G . -13.20 -3.67 1.37
O1 NO2 G . -14.09 -4.31 0.40
O2 NO2 G . -13.76 -2.36 1.79
N NO3 H . 12.50 -3.82 -15.04
O1 NO3 H . 12.24 -3.63 -13.68
O2 NO3 H . 12.77 -2.65 -15.79
O3 NO3 H . 12.46 -5.13 -15.60
N NO3 I . 13.36 0.96 -1.99
O1 NO3 I . 12.71 0.07 -2.86
O2 NO3 I . 14.43 1.73 -2.48
O3 NO3 I . 12.94 1.11 -0.66
N NO3 J . 13.44 -2.95 -9.39
O1 NO3 J . 12.08 -2.65 -9.60
O2 NO3 J . 14.37 -1.92 -9.16
O3 NO3 J . 13.85 -4.28 -9.40
N NO3 K . 10.27 -4.11 -6.05
O1 NO3 K . 10.85 -5.40 -6.22
O2 NO3 K . 9.14 -3.95 -5.24
O3 NO3 K . 10.87 -3.02 -6.69
N NO3 L . 11.17 -9.60 -5.18
O1 NO3 L . 10.67 -10.43 -6.19
O2 NO3 L . 11.93 -10.20 -4.15
O3 NO3 L . 10.93 -8.20 -5.24
N NO3 M . 17.84 3.19 -16.28
O1 NO3 M . 17.72 2.05 -17.09
O2 NO3 M . 16.97 3.31 -15.18
O3 NO3 M . 18.80 4.19 -16.54
#